data_5XOO
#
_entry.id   5XOO
#
_cell.length_a   80.601
_cell.length_b   123.580
_cell.length_c   143.936
_cell.angle_alpha   90.00
_cell.angle_beta   90.00
_cell.angle_gamma   90.00
#
_symmetry.space_group_name_H-M   'P 21 21 21'
#
loop_
_entity.id
_entity.type
_entity.pdbx_description
1 polymer 'Glycosaminoglycan xylosylkinase'
2 branched beta-D-galactopyranose-(1-4)-beta-D-xylopyranose
3 non-polymer 2-acetamido-2-deoxy-beta-D-glucopyranose
4 non-polymer TOLUENE
5 non-polymer ADENOSINE
#
_entity_poly.entity_id   1
_entity_poly.type   'polypeptide(L)'
_entity_poly.pdbx_seq_one_letter_code
;GSKLETKQRSPVEIIDDVKDEIQKRELIYDALHKLNSPNEEKEYFNIHAWDVWHDMISVRALTVDSDVEIYKVLKAMSSA
KITQATTGYKGTQLKAMFSLDGPQIQNVVFKPKRYSRNKIILGTPYEGYDRHNAEIAAFHLDRLLGFYRAPPVVGRYINL
AAEVLPVAAKKLATTFIKDKDENLCFYGKCLYCNRKEPACASNVTMEGALILWLPEKWPVLKLPHPWRRTYNKKMAKWET
DSHYCESVVIKEPYTKGPRLLDLIDTSIFDFLIGNADRHHYEYIENENGSMVIHLDNAKSFGNPFVDEKSILSPLVQCCR
LRSSTYNRLKIATSNENSLSVLLDKRLSIDPIYPILTSDHLLALDRRLLLVQDAVEKCFKEKNKENVIIEDHL
;
_entity_poly.pdbx_strand_id   A,B
#
loop_
_chem_comp.id
_chem_comp.type
_chem_comp.name
_chem_comp.formula
ADN non-polymer ADENOSINE 'C10 H13 N5 O4'
GAL D-saccharide, beta linking beta-D-galactopyranose 'C6 H12 O6'
MBN non-polymer TOLUENE 'C7 H8'
NAG D-saccharide, beta linking 2-acetamido-2-deoxy-beta-D-glucopyranose 'C8 H15 N O6'
XYP D-saccharide, beta linking beta-D-xylopyranose 'C5 H10 O5'
#
# COMPACT_ATOMS: atom_id res chain seq x y z
N PHE A 45 -7.12 -16.01 -1.64
CA PHE A 45 -6.60 -14.73 -1.16
C PHE A 45 -5.10 -14.79 -0.89
N ASN A 46 -4.42 -15.78 -1.45
CA ASN A 46 -3.01 -15.99 -1.15
C ASN A 46 -2.13 -15.23 -2.15
N ILE A 47 -1.24 -14.40 -1.61
CA ILE A 47 -0.15 -13.81 -2.37
C ILE A 47 1.14 -14.16 -1.64
N HIS A 48 2.13 -14.66 -2.38
CA HIS A 48 3.40 -14.96 -1.75
C HIS A 48 4.29 -13.72 -1.73
N ALA A 49 5.15 -13.65 -0.72
CA ALA A 49 5.95 -12.46 -0.51
C ALA A 49 6.93 -12.22 -1.66
N TRP A 50 7.52 -13.29 -2.20
CA TRP A 50 8.45 -13.08 -3.31
C TRP A 50 7.73 -12.55 -4.54
N ASP A 51 6.43 -12.82 -4.68
CA ASP A 51 5.68 -12.19 -5.76
C ASP A 51 5.42 -10.72 -5.46
N VAL A 52 5.09 -10.40 -4.20
CA VAL A 52 4.97 -9.00 -3.80
C VAL A 52 6.25 -8.25 -4.10
N TRP A 53 7.40 -8.86 -3.84
CA TRP A 53 8.69 -8.23 -4.09
C TRP A 53 8.91 -7.98 -5.58
N HIS A 54 8.54 -8.95 -6.43
CA HIS A 54 8.75 -8.78 -7.87
C HIS A 54 7.88 -7.66 -8.44
N ASP A 55 6.61 -7.60 -8.04
CA ASP A 55 5.68 -6.61 -8.56
C ASP A 55 5.81 -5.24 -7.91
N MET A 56 6.64 -5.12 -6.88
CA MET A 56 6.75 -3.88 -6.10
C MET A 56 7.68 -2.87 -6.75
N ILE A 57 8.60 -3.32 -7.60
CA ILE A 57 9.70 -2.49 -8.09
C ILE A 57 9.27 -1.74 -9.35
N SER A 58 9.50 -0.43 -9.34
CA SER A 58 9.47 0.39 -10.54
C SER A 58 10.82 1.07 -10.69
N VAL A 59 11.02 1.73 -11.84
CA VAL A 59 12.33 2.28 -12.16
C VAL A 59 12.73 3.39 -11.19
N ARG A 60 11.77 4.01 -10.50
CA ARG A 60 12.08 5.07 -9.55
C ARG A 60 11.64 4.74 -8.13
N ALA A 61 11.48 3.45 -7.81
CA ALA A 61 11.19 3.04 -6.45
C ALA A 61 11.47 1.56 -6.30
N LEU A 62 12.30 1.19 -5.33
CA LEU A 62 12.50 -0.21 -4.99
C LEU A 62 11.45 -0.72 -4.00
N THR A 63 11.13 0.08 -3.00
CA THR A 63 10.10 -0.26 -2.03
C THR A 63 9.00 0.79 -2.07
N VAL A 64 7.92 0.50 -1.34
CA VAL A 64 6.72 1.34 -1.37
C VAL A 64 6.39 1.78 0.06
N ASP A 65 5.49 2.76 0.15
CA ASP A 65 5.08 3.28 1.44
C ASP A 65 4.27 2.27 2.25
N SER A 66 3.65 1.30 1.59
CA SER A 66 2.76 0.37 2.27
C SER A 66 3.52 -0.48 3.29
N ASP A 67 3.24 -0.27 4.57
CA ASP A 67 3.85 -1.10 5.60
C ASP A 67 3.37 -2.55 5.49
N VAL A 68 2.15 -2.76 5.02
CA VAL A 68 1.61 -4.11 4.91
C VAL A 68 2.39 -4.92 3.88
N GLU A 69 2.65 -4.33 2.71
CA GLU A 69 3.41 -5.04 1.69
C GLU A 69 4.84 -5.28 2.13
N ILE A 70 5.45 -4.31 2.82
CA ILE A 70 6.85 -4.44 3.20
C ILE A 70 7.02 -5.41 4.35
N TYR A 71 6.20 -5.28 5.41
CA TYR A 71 6.28 -6.23 6.52
C TYR A 71 6.05 -7.65 6.04
N LYS A 72 5.21 -7.83 5.01
CA LYS A 72 4.97 -9.15 4.46
C LYS A 72 6.25 -9.72 3.87
N VAL A 73 7.02 -8.89 3.16
CA VAL A 73 8.26 -9.36 2.58
C VAL A 73 9.30 -9.60 3.66
N LEU A 74 9.41 -8.68 4.63
CA LEU A 74 10.37 -8.85 5.72
C LEU A 74 10.06 -10.11 6.52
N LYS A 75 8.79 -10.32 6.85
CA LYS A 75 8.41 -11.50 7.62
C LYS A 75 8.80 -12.78 6.89
N ALA A 76 8.73 -12.78 5.56
CA ALA A 76 9.17 -13.95 4.80
C ALA A 76 10.67 -14.15 4.90
N MET A 77 11.43 -13.06 4.79
CA MET A 77 12.88 -13.14 4.90
C MET A 77 13.29 -13.64 6.28
N SER A 78 12.57 -13.21 7.32
CA SER A 78 12.94 -13.57 8.68
C SER A 78 12.66 -15.02 9.00
N SER A 79 11.77 -15.68 8.25
CA SER A 79 11.32 -17.02 8.59
C SER A 79 11.49 -18.05 7.49
N ALA A 80 11.76 -17.65 6.26
CA ALA A 80 11.93 -18.63 5.19
C ALA A 80 13.06 -19.59 5.52
N LYS A 81 12.89 -20.84 5.12
CA LYS A 81 13.90 -21.87 5.36
C LYS A 81 14.99 -21.77 4.31
N ILE A 82 16.24 -21.92 4.76
CA ILE A 82 17.41 -21.85 3.88
C ILE A 82 17.58 -23.19 3.18
N THR A 83 17.51 -23.18 1.85
CA THR A 83 17.67 -24.40 1.07
C THR A 83 19.07 -24.58 0.50
N GLN A 84 19.79 -23.50 0.22
CA GLN A 84 21.15 -23.57 -0.26
C GLN A 84 21.96 -22.45 0.39
N ALA A 85 23.27 -22.64 0.45
CA ALA A 85 24.18 -21.64 1.01
C ALA A 85 25.53 -21.75 0.35
N THR A 86 26.09 -20.61 -0.05
CA THR A 86 27.40 -20.57 -0.69
C THR A 86 28.08 -19.25 -0.35
N THR A 87 29.20 -18.98 -1.02
CA THR A 87 29.93 -17.73 -0.77
C THR A 87 29.29 -16.54 -1.48
N GLY A 88 29.03 -16.68 -2.78
CA GLY A 88 28.47 -15.57 -3.53
C GLY A 88 29.33 -15.16 -4.71
N TYR A 89 29.18 -13.92 -5.17
CA TYR A 89 29.95 -13.40 -6.29
C TYR A 89 31.45 -13.41 -5.97
N LYS A 90 32.00 -12.25 -5.61
CA LYS A 90 33.37 -12.17 -5.12
C LYS A 90 33.45 -11.12 -4.02
N GLY A 91 33.49 -9.85 -4.41
CA GLY A 91 33.55 -8.79 -3.43
C GLY A 91 34.84 -8.82 -2.64
N THR A 92 34.97 -7.89 -1.70
CA THR A 92 36.16 -7.80 -0.87
C THR A 92 35.85 -8.06 0.60
N GLN A 93 34.59 -8.33 0.92
CA GLN A 93 34.14 -8.51 2.29
C GLN A 93 33.56 -9.91 2.49
N LEU A 94 33.50 -10.32 3.75
CA LEU A 94 32.99 -11.63 4.14
C LEU A 94 31.46 -11.63 4.10
N LYS A 95 30.90 -12.49 3.27
CA LYS A 95 29.45 -12.62 3.15
C LYS A 95 29.10 -14.05 2.78
N ALA A 96 27.81 -14.38 2.87
CA ALA A 96 27.28 -15.65 2.43
C ALA A 96 26.05 -15.40 1.58
N MET A 97 25.73 -16.37 0.73
CA MET A 97 24.57 -16.31 -0.15
C MET A 97 23.60 -17.42 0.24
N PHE A 98 22.40 -17.05 0.66
CA PHE A 98 21.36 -17.99 1.06
C PHE A 98 20.27 -18.05 0.01
N SER A 99 19.75 -19.25 -0.26
CA SER A 99 18.59 -19.45 -1.09
C SER A 99 17.40 -19.76 -0.20
N LEU A 100 16.44 -18.83 -0.13
CA LEU A 100 15.28 -18.99 0.73
C LEU A 100 14.18 -19.76 0.00
N ASP A 101 13.42 -20.52 0.76
CA ASP A 101 12.43 -21.43 0.20
C ASP A 101 11.19 -20.67 -0.26
N GLY A 102 10.47 -21.26 -1.22
CA GLY A 102 9.23 -20.72 -1.71
C GLY A 102 8.80 -21.35 -3.01
N PRO A 103 7.61 -20.98 -3.50
CA PRO A 103 7.21 -21.40 -4.86
C PRO A 103 8.30 -21.15 -5.88
N GLN A 104 8.86 -19.94 -5.88
CA GLN A 104 10.10 -19.64 -6.56
C GLN A 104 11.16 -19.37 -5.50
N ILE A 105 12.41 -19.67 -5.83
CA ILE A 105 13.51 -19.49 -4.89
C ILE A 105 13.96 -18.04 -4.91
N GLN A 106 14.20 -17.49 -3.72
CA GLN A 106 14.58 -16.09 -3.56
C GLN A 106 15.92 -16.05 -2.82
N ASN A 107 16.94 -15.50 -3.46
CA ASN A 107 18.25 -15.37 -2.85
C ASN A 107 18.34 -14.13 -1.97
N VAL A 108 19.10 -14.25 -0.88
CA VAL A 108 19.48 -13.12 -0.05
C VAL A 108 20.97 -13.16 0.20
N VAL A 109 21.54 -12.01 0.56
CA VAL A 109 22.93 -11.90 0.97
C VAL A 109 22.97 -11.86 2.49
N PHE A 110 23.82 -12.68 3.09
CA PHE A 110 23.97 -12.74 4.53
C PHE A 110 25.25 -12.03 4.95
N LYS A 111 25.11 -10.97 5.73
CA LYS A 111 26.26 -10.26 6.29
C LYS A 111 26.31 -10.47 7.79
N PRO A 112 27.26 -11.24 8.30
CA PRO A 112 27.26 -11.57 9.73
C PRO A 112 27.69 -10.39 10.59
N LYS A 113 27.37 -10.50 11.88
CA LYS A 113 27.82 -9.52 12.85
C LYS A 113 29.31 -9.65 13.07
N ARG A 114 30.03 -8.51 13.05
CA ARG A 114 31.46 -8.52 13.23
C ARG A 114 31.97 -7.59 14.32
N TYR A 115 31.14 -6.69 14.84
CA TYR A 115 31.53 -5.76 15.89
C TYR A 115 30.45 -5.71 16.98
N SER A 116 30.84 -5.20 18.13
CA SER A 116 29.86 -4.86 19.15
C SER A 116 29.04 -3.66 18.70
N ARG A 117 27.87 -3.50 19.32
CA ARG A 117 26.98 -2.41 18.93
C ARG A 117 27.58 -1.04 19.21
N ASN A 118 28.56 -0.97 20.11
CA ASN A 118 29.16 0.30 20.52
C ASN A 118 30.65 0.33 20.21
N LYS A 119 31.07 -0.36 19.15
CA LYS A 119 32.44 -0.21 18.67
C LYS A 119 32.62 1.15 18.02
N ILE A 120 33.74 1.78 18.30
CA ILE A 120 34.12 3.03 17.67
C ILE A 120 35.17 2.68 16.63
N ILE A 121 34.92 3.03 15.38
CA ILE A 121 35.81 2.68 14.29
C ILE A 121 36.67 3.89 13.99
N LEU A 122 37.98 3.71 14.02
CA LEU A 122 38.89 4.82 13.76
C LEU A 122 39.84 4.44 12.65
N GLY A 123 40.31 5.46 11.94
CA GLY A 123 41.17 5.25 10.80
C GLY A 123 40.65 6.04 9.60
N THR A 124 40.72 5.43 8.42
CA THR A 124 40.15 6.02 7.23
C THR A 124 38.63 6.06 7.32
N PRO A 125 37.99 6.98 6.59
CA PRO A 125 36.52 7.03 6.57
C PRO A 125 35.86 5.74 6.16
N TYR A 126 36.61 4.81 5.56
CA TYR A 126 36.08 3.54 5.04
C TYR A 126 36.64 2.36 5.80
N GLU A 127 37.14 2.58 7.02
CA GLU A 127 37.78 1.54 7.80
C GLU A 127 36.72 0.57 8.35
N GLY A 128 37.17 -0.64 8.63
CA GLY A 128 36.39 -1.60 9.37
C GLY A 128 35.78 -2.68 8.49
N TYR A 129 35.20 -3.67 9.15
CA TYR A 129 34.39 -4.66 8.46
C TYR A 129 33.01 -4.07 8.16
N ASP A 130 32.25 -4.82 7.37
CA ASP A 130 30.88 -4.43 7.09
C ASP A 130 30.03 -4.58 8.35
N ARG A 131 29.39 -3.50 8.77
CA ARG A 131 28.49 -3.55 9.93
C ARG A 131 27.12 -4.08 9.48
N HIS A 132 26.73 -5.22 10.04
CA HIS A 132 25.46 -5.82 9.63
C HIS A 132 24.28 -4.97 10.09
N ASN A 133 24.38 -4.36 11.27
CA ASN A 133 23.29 -3.52 11.75
C ASN A 133 23.15 -2.23 10.96
N ALA A 134 24.20 -1.81 10.25
CA ALA A 134 24.11 -0.63 9.42
C ALA A 134 23.23 -0.89 8.20
N GLU A 135 23.30 -2.10 7.64
CA GLU A 135 22.45 -2.44 6.51
C GLU A 135 20.98 -2.37 6.89
N ILE A 136 20.65 -2.76 8.12
CA ILE A 136 19.26 -2.69 8.59
C ILE A 136 18.85 -1.25 8.80
N ALA A 137 19.68 -0.48 9.50
CA ALA A 137 19.32 0.91 9.79
C ALA A 137 19.26 1.75 8.52
N ALA A 138 20.17 1.50 7.58
CA ALA A 138 20.14 2.26 6.33
C ALA A 138 18.91 1.95 5.50
N PHE A 139 18.39 0.72 5.59
CA PHE A 139 17.19 0.38 4.84
C PHE A 139 15.97 1.12 5.36
N HIS A 140 15.84 1.23 6.68
CA HIS A 140 14.67 1.93 7.21
C HIS A 140 14.82 3.44 7.11
N LEU A 141 16.04 3.96 7.20
CA LEU A 141 16.24 5.37 6.93
C LEU A 141 15.93 5.68 5.47
N ASP A 142 16.21 4.74 4.57
CA ASP A 142 15.91 4.93 3.16
C ASP A 142 14.42 5.16 2.93
N ARG A 143 13.58 4.42 3.64
CA ARG A 143 12.13 4.61 3.50
C ARG A 143 11.65 5.81 4.31
N LEU A 144 12.23 6.04 5.49
CA LEU A 144 11.82 7.14 6.33
C LEU A 144 12.04 8.49 5.65
N LEU A 145 13.09 8.60 4.83
CA LEU A 145 13.36 9.84 4.11
C LEU A 145 12.67 9.92 2.76
N GLY A 146 12.00 8.86 2.35
CA GLY A 146 11.26 8.89 1.10
C GLY A 146 12.08 8.60 -0.14
N PHE A 147 13.25 7.98 0.01
CA PHE A 147 14.02 7.60 -1.17
C PHE A 147 13.48 6.31 -1.78
N TYR A 148 13.27 5.29 -0.97
CA TYR A 148 12.74 4.01 -1.41
C TYR A 148 13.64 3.38 -2.48
N ARG A 149 14.95 3.52 -2.30
CA ARG A 149 15.93 2.99 -3.25
C ARG A 149 16.80 1.90 -2.66
N ALA A 150 16.45 1.38 -1.48
CA ALA A 150 17.23 0.33 -0.85
C ALA A 150 16.44 -0.97 -0.79
N PRO A 151 17.05 -2.09 -1.13
CA PRO A 151 16.35 -3.38 -1.05
C PRO A 151 16.00 -3.70 0.39
N PRO A 152 15.00 -4.54 0.62
CA PRO A 152 14.62 -4.86 2.00
C PRO A 152 15.74 -5.59 2.73
N VAL A 153 15.89 -5.28 4.02
CA VAL A 153 16.92 -5.86 4.87
C VAL A 153 16.28 -6.23 6.19
N VAL A 154 16.56 -7.43 6.69
CA VAL A 154 16.03 -7.89 7.97
C VAL A 154 17.16 -8.54 8.76
N GLY A 155 17.12 -8.36 10.07
CA GLY A 155 18.03 -9.09 10.94
C GLY A 155 17.48 -10.47 11.26
N ARG A 156 18.39 -11.39 11.57
CA ARG A 156 17.99 -12.77 11.77
C ARG A 156 19.08 -13.51 12.53
N TYR A 157 18.67 -14.31 13.52
CA TYR A 157 19.58 -15.18 14.24
C TYR A 157 19.62 -16.53 13.53
N ILE A 158 20.74 -16.84 12.89
CA ILE A 158 20.89 -18.05 12.10
C ILE A 158 21.52 -19.14 12.95
N ASN A 159 20.92 -20.32 12.94
CA ASN A 159 21.52 -21.50 13.56
C ASN A 159 22.41 -22.15 12.52
N LEU A 160 23.72 -21.86 12.58
CA LEU A 160 24.64 -22.36 11.57
C LEU A 160 24.64 -23.88 11.51
N ALA A 161 24.50 -24.56 12.64
CA ALA A 161 24.56 -26.01 12.65
C ALA A 161 23.32 -26.64 12.02
N ALA A 162 22.15 -26.05 12.28
CA ALA A 162 20.90 -26.63 11.80
C ALA A 162 20.50 -26.13 10.42
N GLU A 163 20.72 -24.86 10.11
CA GLU A 163 20.21 -24.24 8.90
C GLU A 163 21.22 -24.14 7.78
N VAL A 164 22.49 -23.86 8.09
CA VAL A 164 23.49 -23.56 7.08
C VAL A 164 24.33 -24.78 6.71
N LEU A 165 24.94 -25.43 7.69
CA LEU A 165 25.83 -26.54 7.39
C LEU A 165 25.20 -27.67 6.59
N PRO A 166 23.96 -28.11 6.87
CA PRO A 166 23.39 -29.20 6.07
C PRO A 166 23.24 -28.88 4.59
N VAL A 167 23.17 -27.61 4.20
CA VAL A 167 22.92 -27.23 2.82
C VAL A 167 24.06 -26.40 2.22
N ALA A 168 25.17 -26.28 2.94
CA ALA A 168 26.24 -25.40 2.51
C ALA A 168 27.04 -26.06 1.39
N ALA A 169 27.27 -25.30 0.33
CA ALA A 169 28.17 -25.76 -0.73
C ALA A 169 29.58 -25.97 -0.18
N LYS A 170 30.33 -26.85 -0.85
CA LYS A 170 31.66 -27.19 -0.38
C LYS A 170 32.56 -25.95 -0.32
N LYS A 171 32.35 -25.00 -1.24
CA LYS A 171 33.18 -23.79 -1.26
C LYS A 171 33.07 -23.01 0.05
N LEU A 172 31.89 -23.00 0.66
CA LEU A 172 31.66 -22.28 1.90
C LEU A 172 31.95 -23.14 3.13
N ALA A 173 31.59 -24.42 3.08
CA ALA A 173 31.74 -25.28 4.25
C ALA A 173 33.21 -25.44 4.64
N THR A 174 34.10 -25.53 3.66
CA THR A 174 35.52 -25.71 3.96
C THR A 174 36.14 -24.52 4.68
N THR A 175 35.38 -23.46 4.93
CA THR A 175 35.88 -22.30 5.66
C THR A 175 35.29 -22.20 7.07
N PHE A 176 34.59 -23.23 7.54
CA PHE A 176 34.06 -23.25 8.88
C PHE A 176 35.13 -23.74 9.86
N ILE A 177 35.31 -23.03 10.95
CA ILE A 177 36.28 -23.37 11.98
C ILE A 177 35.65 -23.09 13.35
N LYS A 178 36.40 -23.38 14.40
CA LYS A 178 36.03 -23.04 15.75
C LYS A 178 37.10 -22.13 16.34
N ASP A 179 36.69 -21.28 17.27
CA ASP A 179 37.61 -20.36 17.91
C ASP A 179 38.07 -20.93 19.25
N LYS A 180 38.86 -20.15 19.97
CA LYS A 180 39.41 -20.62 21.24
C LYS A 180 38.33 -20.92 22.27
N ASP A 181 37.10 -20.42 22.06
CA ASP A 181 35.99 -20.68 22.95
C ASP A 181 35.03 -21.72 22.39
N GLU A 182 35.42 -22.43 21.33
CA GLU A 182 34.62 -23.49 20.71
C GLU A 182 33.29 -22.95 20.18
N ASN A 183 33.32 -21.73 19.63
CA ASN A 183 32.20 -21.19 18.88
C ASN A 183 32.33 -21.58 17.41
N LEU A 184 31.20 -21.76 16.75
CA LEU A 184 31.21 -22.06 15.32
C LEU A 184 31.40 -20.76 14.55
N CYS A 185 32.41 -20.74 13.68
CA CYS A 185 32.76 -19.57 12.90
C CYS A 185 32.99 -19.97 11.46
N PHE A 186 33.04 -18.97 10.58
CA PHE A 186 33.48 -19.19 9.21
C PHE A 186 34.15 -17.93 8.71
N TYR A 187 35.22 -18.10 7.92
CA TYR A 187 35.97 -16.96 7.41
C TYR A 187 35.77 -16.72 5.93
N GLY A 188 35.09 -17.63 5.23
CA GLY A 188 34.66 -17.38 3.87
C GLY A 188 35.73 -17.32 2.81
N LYS A 189 35.29 -17.19 1.57
CA LYS A 189 36.18 -17.04 0.41
C LYS A 189 35.92 -15.66 -0.18
N CYS A 190 36.85 -14.74 0.06
CA CYS A 190 36.77 -13.43 -0.55
C CYS A 190 38.19 -12.88 -0.69
N LEU A 191 38.30 -11.57 -0.90
CA LEU A 191 39.61 -10.96 -1.12
C LEU A 191 40.34 -10.71 0.19
N TYR A 192 39.65 -10.18 1.19
CA TYR A 192 40.23 -9.91 2.51
C TYR A 192 39.94 -11.03 3.51
N CYS A 193 39.40 -12.15 3.05
CA CYS A 193 39.03 -13.26 3.92
C CYS A 193 40.22 -14.16 4.19
N ASN A 194 40.40 -14.55 5.44
CA ASN A 194 41.49 -15.43 5.82
C ASN A 194 41.15 -16.09 7.15
N ARG A 195 41.87 -17.16 7.46
CA ARG A 195 41.55 -18.00 8.62
C ARG A 195 41.63 -17.25 9.94
N LYS A 196 42.40 -16.16 10.01
CA LYS A 196 42.58 -15.45 11.27
C LYS A 196 41.56 -14.33 11.49
N GLU A 197 40.71 -14.03 10.51
CA GLU A 197 39.68 -13.02 10.65
C GLU A 197 38.32 -13.62 10.28
N PRO A 198 37.77 -14.47 11.12
CA PRO A 198 36.47 -15.07 10.84
C PRO A 198 35.34 -14.30 11.52
N ALA A 199 34.13 -14.59 11.07
CA ALA A 199 32.91 -14.16 11.75
C ALA A 199 32.44 -15.30 12.64
N CYS A 200 32.20 -15.00 13.90
CA CYS A 200 31.97 -16.01 14.92
C CYS A 200 30.59 -15.86 15.55
N ALA A 201 29.98 -17.00 15.86
CA ALA A 201 28.65 -17.04 16.44
C ALA A 201 28.74 -17.17 17.96
N SER A 202 27.58 -17.15 18.61
CA SER A 202 27.44 -17.54 20.00
C SER A 202 26.98 -18.99 20.00
N ASN A 203 27.86 -19.89 20.46
CA ASN A 203 27.67 -21.33 20.28
C ASN A 203 27.54 -21.61 18.79
N VAL A 204 26.31 -21.78 18.30
CA VAL A 204 26.07 -21.99 16.88
C VAL A 204 25.10 -20.98 16.30
N THR A 205 24.65 -20.01 17.09
CA THR A 205 23.67 -19.02 16.65
C THR A 205 24.40 -17.75 16.24
N MET A 206 24.38 -17.44 14.95
CA MET A 206 25.07 -16.29 14.40
C MET A 206 24.07 -15.22 13.99
N GLU A 207 24.28 -14.01 14.48
CA GLU A 207 23.43 -12.86 14.19
C GLU A 207 23.91 -12.16 12.93
N GLY A 208 22.97 -11.70 12.12
CA GLY A 208 23.36 -11.06 10.87
C GLY A 208 22.20 -10.36 10.22
N ALA A 209 22.46 -9.85 9.03
CA ALA A 209 21.46 -9.15 8.24
C ALA A 209 21.29 -9.85 6.90
N LEU A 210 20.03 -10.05 6.49
CA LEU A 210 19.72 -10.57 5.17
C LEU A 210 19.30 -9.43 4.25
N ILE A 211 19.84 -9.41 3.04
CA ILE A 211 19.56 -8.37 2.07
C ILE A 211 18.94 -9.00 0.84
N LEU A 212 17.78 -8.51 0.44
CA LEU A 212 17.02 -9.14 -0.64
C LEU A 212 17.68 -8.91 -1.98
N TRP A 213 17.75 -9.96 -2.77
CA TRP A 213 18.31 -9.89 -4.12
C TRP A 213 17.26 -9.40 -5.10
N LEU A 214 17.65 -8.50 -5.99
CA LEU A 214 16.69 -7.96 -6.96
C LEU A 214 16.35 -9.03 -8.00
N PRO A 215 15.14 -9.01 -8.53
CA PRO A 215 14.77 -9.97 -9.58
C PRO A 215 15.63 -9.80 -10.83
N GLU A 216 15.66 -10.85 -11.65
CA GLU A 216 16.43 -10.80 -12.88
C GLU A 216 15.89 -9.74 -13.84
N LYS A 217 14.60 -9.43 -13.74
CA LYS A 217 14.00 -8.41 -14.60
C LYS A 217 14.61 -7.04 -14.37
N TRP A 218 15.29 -6.83 -13.24
CA TRP A 218 15.92 -5.57 -12.88
C TRP A 218 17.42 -5.78 -12.74
N PRO A 219 18.17 -5.77 -13.84
CA PRO A 219 19.62 -5.92 -13.75
C PRO A 219 20.25 -4.68 -13.13
N VAL A 220 21.38 -4.88 -12.46
CA VAL A 220 22.09 -3.81 -11.76
C VAL A 220 23.37 -3.52 -12.54
N LEU A 221 23.51 -2.28 -13.01
CA LEU A 221 24.72 -1.82 -13.66
C LEU A 221 25.51 -0.96 -12.70
N LYS A 222 26.83 -0.88 -12.93
CA LYS A 222 27.73 -0.24 -11.99
C LYS A 222 28.73 0.62 -12.74
N LEU A 223 28.98 1.82 -12.21
CA LEU A 223 29.91 2.77 -12.79
C LEU A 223 30.72 3.42 -11.67
N PRO A 224 31.97 3.81 -11.94
CA PRO A 224 32.77 4.47 -10.91
C PRO A 224 32.17 5.81 -10.52
N HIS A 225 32.19 6.09 -9.23
CA HIS A 225 31.61 7.31 -8.70
C HIS A 225 32.54 8.49 -8.99
N PRO A 226 32.06 9.55 -9.64
CA PRO A 226 32.92 10.72 -9.90
C PRO A 226 33.63 11.24 -8.67
N TRP A 227 33.00 11.17 -7.50
CA TRP A 227 33.62 11.59 -6.25
C TRP A 227 34.14 10.41 -5.44
N ARG A 228 34.58 9.35 -6.11
CA ARG A 228 35.21 8.25 -5.39
C ARG A 228 36.48 8.74 -4.70
N ARG A 229 36.87 8.01 -3.66
CA ARG A 229 38.13 8.28 -3.00
C ARG A 229 39.27 7.53 -3.68
N THR A 230 40.49 7.88 -3.29
CA THR A 230 41.69 7.35 -3.93
C THR A 230 42.13 6.01 -3.33
N TYR A 231 41.80 5.75 -2.07
CA TYR A 231 42.17 4.52 -1.39
C TYR A 231 43.67 4.34 -1.31
N ASN A 232 44.37 5.46 -1.20
CA ASN A 232 45.78 5.52 -0.86
C ASN A 232 46.05 6.92 -0.30
N LYS A 233 47.32 7.20 -0.02
CA LYS A 233 47.64 8.46 0.64
C LYS A 233 47.63 9.66 -0.31
N LYS A 234 47.38 9.44 -1.60
CA LYS A 234 47.23 10.57 -2.52
C LYS A 234 45.91 11.29 -2.25
N MET A 235 45.63 12.30 -3.08
CA MET A 235 44.40 13.08 -3.00
C MET A 235 43.66 12.99 -4.32
N ALA A 236 42.34 12.80 -4.25
CA ALA A 236 41.53 12.81 -5.45
C ALA A 236 41.35 14.24 -5.93
N LYS A 237 40.95 14.37 -7.19
CA LYS A 237 40.85 15.69 -7.80
C LYS A 237 39.82 16.56 -7.09
N TRP A 238 38.71 15.96 -6.66
CA TRP A 238 37.68 16.73 -5.97
C TRP A 238 38.12 17.22 -4.59
N GLU A 239 39.23 16.70 -4.06
CA GLU A 239 39.73 17.16 -2.77
C GLU A 239 40.63 18.39 -2.90
N THR A 240 41.14 18.68 -4.09
CA THR A 240 42.00 19.83 -4.34
C THR A 240 41.35 20.93 -5.15
N ASP A 241 40.36 20.61 -5.99
CA ASP A 241 39.73 21.56 -6.89
C ASP A 241 38.29 21.78 -6.44
N SER A 242 38.01 22.98 -5.92
CA SER A 242 36.66 23.29 -5.46
C SER A 242 35.68 23.49 -6.60
N HIS A 243 36.17 23.74 -7.82
CA HIS A 243 35.33 23.84 -9.01
C HIS A 243 35.21 22.50 -9.74
N TYR A 244 35.31 21.38 -9.02
CA TYR A 244 35.39 20.08 -9.67
C TYR A 244 34.07 19.69 -10.32
N CYS A 245 32.94 20.18 -9.78
CA CYS A 245 31.66 19.78 -10.35
C CYS A 245 31.49 20.29 -11.78
N GLU A 246 32.09 21.44 -12.09
CA GLU A 246 32.08 21.95 -13.45
C GLU A 246 32.63 20.92 -14.43
N SER A 247 33.65 20.18 -14.01
CA SER A 247 34.28 19.18 -14.87
C SER A 247 33.39 17.97 -15.11
N VAL A 248 32.48 17.68 -14.19
CA VAL A 248 31.69 16.44 -14.25
C VAL A 248 30.47 16.58 -15.15
N VAL A 249 29.79 17.71 -15.12
CA VAL A 249 28.52 17.89 -15.83
C VAL A 249 28.75 18.01 -17.33
N ILE A 250 30.00 17.85 -17.77
CA ILE A 250 30.28 17.88 -19.20
C ILE A 250 30.02 16.52 -19.84
N LYS A 251 30.55 15.45 -19.25
CA LYS A 251 30.39 14.11 -19.80
C LYS A 251 29.09 13.48 -19.33
N GLU A 252 28.51 12.66 -20.21
CA GLU A 252 27.36 11.84 -19.86
C GLU A 252 27.79 10.80 -18.83
N PRO A 253 26.86 10.33 -17.99
CA PRO A 253 25.42 10.62 -17.99
C PRO A 253 25.05 11.75 -17.02
N TYR A 254 25.99 12.65 -16.77
CA TYR A 254 25.79 13.73 -15.82
C TYR A 254 25.38 15.04 -16.48
N THR A 255 25.48 15.14 -17.81
CA THR A 255 25.10 16.37 -18.48
C THR A 255 23.59 16.58 -18.47
N LYS A 256 22.82 15.49 -18.56
CA LYS A 256 21.37 15.58 -18.51
C LYS A 256 20.83 14.34 -17.80
N GLY A 257 19.51 14.31 -17.62
CA GLY A 257 18.87 13.20 -16.96
C GLY A 257 18.94 13.30 -15.45
N PRO A 258 18.53 12.23 -14.76
CA PRO A 258 18.46 12.25 -13.30
C PRO A 258 19.73 11.80 -12.58
N ARG A 259 20.78 11.41 -13.30
CA ARG A 259 21.93 10.75 -12.66
C ARG A 259 22.59 11.66 -11.63
N LEU A 260 22.95 12.88 -12.03
CA LEU A 260 23.68 13.77 -11.12
C LEU A 260 22.85 14.11 -9.89
N LEU A 261 21.55 14.33 -10.07
CA LEU A 261 20.70 14.61 -8.92
C LEU A 261 20.53 13.38 -8.03
N ASP A 262 20.61 12.18 -8.61
CA ASP A 262 20.62 10.97 -7.80
C ASP A 262 21.87 10.92 -6.92
N LEU A 263 23.04 11.18 -7.50
CA LEU A 263 24.28 11.13 -6.73
C LEU A 263 24.29 12.15 -5.62
N ILE A 264 23.64 13.30 -5.81
CA ILE A 264 23.53 14.27 -4.73
C ILE A 264 22.59 13.77 -3.65
N ASP A 265 21.48 13.13 -4.05
CA ASP A 265 20.60 12.50 -3.08
C ASP A 265 21.36 11.46 -2.26
N THR A 266 22.07 10.57 -2.95
CA THR A 266 22.77 9.48 -2.26
C THR A 266 23.91 10.01 -1.41
N SER A 267 24.53 11.14 -1.78
CA SER A 267 25.57 11.71 -0.95
C SER A 267 25.01 12.24 0.36
N ILE A 268 23.81 12.81 0.32
CA ILE A 268 23.15 13.20 1.55
C ILE A 268 22.81 11.98 2.39
N PHE A 269 22.27 10.94 1.75
CA PHE A 269 21.98 9.70 2.45
C PHE A 269 23.24 9.09 3.04
N ASP A 270 24.33 9.05 2.25
CA ASP A 270 25.56 8.45 2.73
C ASP A 270 26.17 9.26 3.87
N PHE A 271 26.06 10.59 3.81
CA PHE A 271 26.61 11.41 4.88
C PHE A 271 25.89 11.17 6.20
N LEU A 272 24.56 11.02 6.16
CA LEU A 272 23.80 10.81 7.39
C LEU A 272 24.20 9.52 8.09
N ILE A 273 24.44 8.45 7.33
CA ILE A 273 24.81 7.18 7.93
C ILE A 273 26.33 7.00 8.06
N GLY A 274 27.11 7.91 7.50
CA GLY A 274 28.56 7.79 7.60
C GLY A 274 29.17 6.83 6.62
N ASN A 275 28.58 6.67 5.44
CA ASN A 275 29.08 5.74 4.42
C ASN A 275 29.98 6.51 3.47
N ALA A 276 31.29 6.37 3.64
CA ALA A 276 32.27 7.01 2.79
C ALA A 276 32.89 6.06 1.78
N ASP A 277 32.25 4.93 1.51
CA ASP A 277 32.85 3.85 0.74
C ASP A 277 32.10 3.58 -0.57
N ARG A 278 31.35 4.55 -1.10
CA ARG A 278 30.62 4.33 -2.34
C ARG A 278 31.51 4.78 -3.51
N HIS A 279 32.55 3.98 -3.75
CA HIS A 279 33.48 4.28 -4.83
C HIS A 279 32.91 3.90 -6.19
N HIS A 280 32.05 2.89 -6.25
CA HIS A 280 31.29 2.55 -7.45
C HIS A 280 29.81 2.62 -7.10
N TYR A 281 29.05 3.45 -7.79
CA TYR A 281 27.63 3.49 -7.58
C TYR A 281 26.94 2.53 -8.55
N GLU A 282 25.71 2.16 -8.22
CA GLU A 282 24.98 1.16 -8.99
C GLU A 282 23.57 1.65 -9.22
N TYR A 283 23.01 1.29 -10.38
CA TYR A 283 21.73 1.85 -10.80
C TYR A 283 20.96 0.80 -11.60
N ILE A 284 19.65 0.97 -11.61
CA ILE A 284 18.77 0.18 -12.46
C ILE A 284 18.31 1.06 -13.62
N GLU A 285 17.82 0.41 -14.67
CA GLU A 285 17.47 1.16 -15.88
C GLU A 285 16.53 0.33 -16.74
N ASN A 286 15.45 0.96 -17.19
CA ASN A 286 14.57 0.37 -18.19
C ASN A 286 14.24 1.47 -19.20
N GLU A 287 13.13 1.31 -19.92
CA GLU A 287 12.75 2.29 -20.92
C GLU A 287 12.28 3.60 -20.32
N ASN A 288 11.85 3.60 -19.05
CA ASN A 288 11.23 4.76 -18.43
C ASN A 288 12.19 5.57 -17.57
N GLY A 289 13.48 5.28 -17.61
CA GLY A 289 14.44 6.10 -16.90
C GLY A 289 15.50 5.25 -16.22
N SER A 290 16.12 5.85 -15.20
CA SER A 290 17.15 5.18 -14.41
C SER A 290 17.11 5.73 -13.00
N MET A 291 17.80 5.03 -12.09
CA MET A 291 17.85 5.45 -10.70
C MET A 291 19.03 4.80 -10.01
N VAL A 292 19.83 5.60 -9.31
CA VAL A 292 20.90 5.08 -8.49
C VAL A 292 20.29 4.49 -7.22
N ILE A 293 20.62 3.24 -6.94
CA ILE A 293 20.02 2.51 -5.81
C ILE A 293 21.00 2.48 -4.65
N HIS A 294 20.45 2.42 -3.44
CA HIS A 294 21.25 2.37 -2.22
C HIS A 294 21.54 0.91 -1.89
N LEU A 295 22.58 0.39 -2.53
CA LEU A 295 22.99 -0.99 -2.39
C LEU A 295 24.34 -1.03 -1.70
N ASP A 296 24.51 -2.00 -0.79
CA ASP A 296 25.73 -2.14 0.01
C ASP A 296 26.01 -0.87 0.83
N ASN A 297 25.20 -0.71 1.87
CA ASN A 297 25.32 0.41 2.81
C ASN A 297 25.94 -0.03 4.13
N ALA A 298 26.75 -1.08 4.11
CA ALA A 298 27.21 -1.71 5.34
C ALA A 298 28.39 -1.02 5.97
N LYS A 299 29.13 -0.22 5.22
CA LYS A 299 30.27 0.52 5.78
C LYS A 299 29.81 1.83 6.41
N SER A 300 28.80 1.74 7.27
CA SER A 300 28.20 2.89 7.90
C SER A 300 28.16 2.69 9.40
N PHE A 301 27.74 3.74 10.10
CA PHE A 301 27.58 3.73 11.56
C PHE A 301 28.81 3.14 12.26
N GLY A 302 29.99 3.59 11.82
CA GLY A 302 31.22 3.15 12.43
C GLY A 302 31.66 4.03 13.57
N ASN A 303 31.36 5.33 13.48
CA ASN A 303 31.76 6.29 14.51
C ASN A 303 30.68 7.34 14.68
N PRO A 304 30.03 7.38 15.85
CA PRO A 304 28.93 8.32 16.07
C PRO A 304 29.38 9.71 16.46
N PHE A 305 30.68 9.97 16.51
CA PHE A 305 31.19 11.27 16.92
C PHE A 305 31.85 12.05 15.79
N VAL A 306 32.21 11.39 14.70
CA VAL A 306 32.83 12.05 13.56
C VAL A 306 31.79 12.21 12.46
N ASP A 307 31.85 13.33 11.76
CA ASP A 307 30.99 13.61 10.61
C ASP A 307 31.88 13.88 9.41
N GLU A 308 32.00 12.90 8.52
CA GLU A 308 32.85 13.04 7.35
C GLU A 308 32.13 13.92 6.32
N LYS A 309 32.35 15.23 6.40
CA LYS A 309 31.69 16.13 5.48
C LYS A 309 32.18 15.97 4.04
N SER A 310 33.31 15.30 3.83
CA SER A 310 33.77 15.04 2.48
C SER A 310 32.78 14.19 1.69
N ILE A 311 31.90 13.45 2.38
CA ILE A 311 30.89 12.67 1.70
C ILE A 311 29.88 13.57 1.00
N LEU A 312 29.67 14.78 1.53
CA LEU A 312 28.73 15.73 0.96
C LEU A 312 29.30 16.47 -0.25
N SER A 313 30.50 16.10 -0.70
CA SER A 313 31.14 16.83 -1.79
C SER A 313 30.27 16.99 -3.03
N PRO A 314 29.53 15.98 -3.50
CA PRO A 314 28.61 16.23 -4.62
C PRO A 314 27.64 17.36 -4.35
N LEU A 315 27.08 17.44 -3.15
CA LEU A 315 26.16 18.53 -2.82
C LEU A 315 26.90 19.86 -2.72
N VAL A 316 28.02 19.89 -1.99
CA VAL A 316 28.67 21.16 -1.68
C VAL A 316 29.38 21.73 -2.90
N GLN A 317 29.84 20.87 -3.82
CA GLN A 317 30.56 21.36 -4.99
C GLN A 317 29.63 21.66 -6.17
N CYS A 318 28.51 20.96 -6.29
CA CYS A 318 27.56 21.21 -7.37
C CYS A 318 26.47 22.20 -7.01
N CYS A 319 26.12 22.30 -5.72
CA CYS A 319 25.05 23.18 -5.25
C CYS A 319 23.78 23.03 -6.08
N ARG A 320 23.41 21.78 -6.34
CA ARG A 320 22.13 21.43 -6.91
C ARG A 320 21.45 20.43 -5.99
N LEU A 321 20.12 20.42 -6.02
CA LEU A 321 19.38 19.55 -5.11
C LEU A 321 17.99 19.33 -5.68
N ARG A 322 17.61 18.07 -5.88
CA ARG A 322 16.27 17.77 -6.37
C ARG A 322 15.23 18.33 -5.40
N SER A 323 14.17 18.91 -5.97
CA SER A 323 13.18 19.62 -5.17
C SER A 323 12.45 18.68 -4.22
N SER A 324 12.02 17.52 -4.72
CA SER A 324 11.21 16.61 -3.90
C SER A 324 11.95 16.17 -2.64
N THR A 325 13.27 15.98 -2.74
CA THR A 325 14.03 15.62 -1.55
C THR A 325 14.20 16.80 -0.61
N TYR A 326 14.41 17.99 -1.16
CA TYR A 326 14.51 19.18 -0.32
C TYR A 326 13.26 19.39 0.52
N ASN A 327 12.09 19.11 -0.05
CA ASN A 327 10.85 19.25 0.71
C ASN A 327 10.78 18.23 1.84
N ARG A 328 11.21 17.00 1.58
CA ARG A 328 11.18 15.98 2.62
C ARG A 328 12.18 16.25 3.72
N LEU A 329 13.30 16.91 3.40
CA LEU A 329 14.28 17.26 4.42
C LEU A 329 13.73 18.33 5.35
N LYS A 330 13.00 19.31 4.80
CA LYS A 330 12.40 20.33 5.65
C LYS A 330 11.27 19.77 6.51
N ILE A 331 10.65 18.67 6.09
CA ILE A 331 9.66 18.01 6.94
C ILE A 331 10.33 17.30 8.09
N ALA A 332 11.52 16.75 7.85
CA ALA A 332 12.21 16.01 8.91
C ALA A 332 12.73 16.95 9.99
N THR A 333 13.21 18.14 9.60
CA THR A 333 13.69 19.11 10.57
C THR A 333 12.57 19.87 11.27
N SER A 334 11.35 19.83 10.72
CA SER A 334 10.22 20.55 11.29
C SER A 334 9.31 19.65 12.11
N ASN A 335 9.35 18.33 11.89
CA ASN A 335 8.54 17.40 12.65
C ASN A 335 8.80 17.56 14.15
N GLU A 336 7.75 17.33 14.94
CA GLU A 336 7.89 17.42 16.38
C GLU A 336 8.82 16.34 16.91
N ASN A 337 8.75 15.14 16.32
CA ASN A 337 9.65 14.05 16.65
C ASN A 337 10.90 14.16 15.80
N SER A 338 12.07 14.07 16.44
CA SER A 338 13.32 14.15 15.71
C SER A 338 13.46 12.96 14.76
N LEU A 339 14.41 13.08 13.83
CA LEU A 339 14.64 12.03 12.85
C LEU A 339 15.06 10.72 13.51
N SER A 340 15.87 10.81 14.57
CA SER A 340 16.33 9.61 15.25
C SER A 340 15.19 8.90 15.96
N VAL A 341 14.29 9.68 16.57
CA VAL A 341 13.16 9.08 17.28
C VAL A 341 12.26 8.32 16.31
N LEU A 342 12.03 8.89 15.12
CA LEU A 342 11.19 8.21 14.15
C LEU A 342 11.87 6.96 13.60
N LEU A 343 13.18 7.02 13.39
CA LEU A 343 13.87 5.85 12.83
C LEU A 343 13.89 4.70 13.82
N ASP A 344 14.10 4.97 15.09
CA ASP A 344 14.19 3.90 16.07
C ASP A 344 12.85 3.17 16.22
N LYS A 345 11.73 3.88 16.07
CA LYS A 345 10.44 3.21 16.13
C LYS A 345 10.26 2.22 14.99
N ARG A 346 10.84 2.51 13.83
CA ARG A 346 10.85 1.52 12.75
C ARG A 346 11.86 0.41 13.04
N LEU A 347 13.01 0.78 13.62
CA LEU A 347 14.01 -0.23 13.95
C LEU A 347 13.50 -1.21 15.00
N SER A 348 12.57 -0.77 15.84
CA SER A 348 12.11 -1.59 16.96
C SER A 348 11.32 -2.82 16.53
N ILE A 349 11.01 -2.97 15.24
CA ILE A 349 10.31 -4.16 14.77
C ILE A 349 11.25 -5.24 14.28
N ASP A 350 12.53 -4.97 14.21
CA ASP A 350 13.45 -5.96 13.67
C ASP A 350 13.77 -7.01 14.73
N PRO A 351 13.93 -8.28 14.34
CA PRO A 351 14.19 -9.33 15.34
C PRO A 351 15.43 -9.07 16.20
N ILE A 352 16.49 -8.48 15.66
CA ILE A 352 17.73 -8.33 16.39
C ILE A 352 17.88 -6.92 17.00
N TYR A 353 16.77 -6.21 17.17
CA TYR A 353 16.76 -4.91 17.82
C TYR A 353 17.29 -5.05 19.25
N PRO A 354 18.05 -4.06 19.76
CA PRO A 354 18.45 -2.74 19.22
C PRO A 354 19.38 -2.79 18.01
N ILE A 355 19.18 -1.88 17.06
CA ILE A 355 19.98 -1.82 15.85
C ILE A 355 21.09 -0.78 15.96
N LEU A 356 20.79 0.39 16.53
CA LEU A 356 21.76 1.44 16.71
C LEU A 356 21.78 1.85 18.18
N THR A 357 22.95 2.27 18.65
CA THR A 357 23.07 2.86 19.96
C THR A 357 22.50 4.27 19.94
N SER A 358 22.26 4.82 21.15
CA SER A 358 21.76 6.18 21.24
C SER A 358 22.69 7.17 20.55
N ASP A 359 24.00 6.89 20.57
CA ASP A 359 24.97 7.80 19.98
C ASP A 359 24.77 7.91 18.48
N HIS A 360 24.64 6.77 17.80
CA HIS A 360 24.45 6.81 16.35
C HIS A 360 23.12 7.44 15.98
N LEU A 361 22.09 7.25 16.81
CA LEU A 361 20.82 7.90 16.54
C LEU A 361 20.93 9.41 16.68
N LEU A 362 21.54 9.87 17.77
CA LEU A 362 21.75 11.31 17.93
C LEU A 362 22.68 11.87 16.86
N ALA A 363 23.54 11.04 16.29
CA ALA A 363 24.38 11.51 15.20
C ALA A 363 23.54 11.93 14.00
N LEU A 364 22.50 11.16 13.70
CA LEU A 364 21.62 11.49 12.58
C LEU A 364 21.04 12.90 12.74
N ASP A 365 20.53 13.21 13.93
CA ASP A 365 19.96 14.52 14.18
C ASP A 365 20.99 15.63 13.97
N ARG A 366 22.21 15.41 14.46
CA ARG A 366 23.25 16.42 14.31
C ARG A 366 23.70 16.54 12.85
N ARG A 367 23.77 15.43 12.14
CA ARG A 367 24.17 15.49 10.73
C ARG A 367 23.07 16.05 9.85
N LEU A 368 21.81 15.85 10.21
CA LEU A 368 20.73 16.46 9.44
C LEU A 368 20.84 17.98 9.48
N LEU A 369 21.22 18.54 10.63
CA LEU A 369 21.44 19.98 10.72
C LEU A 369 22.65 20.41 9.91
N LEU A 370 23.68 19.56 9.86
CA LEU A 370 24.86 19.89 9.04
C LEU A 370 24.52 19.89 7.56
N VAL A 371 23.58 19.04 7.14
CA VAL A 371 23.13 19.05 5.75
C VAL A 371 22.37 20.34 5.45
N GLN A 372 21.47 20.75 6.35
CA GLN A 372 20.73 21.98 6.15
C GLN A 372 21.65 23.18 6.05
N ASP A 373 22.74 23.18 6.82
CA ASP A 373 23.73 24.25 6.71
C ASP A 373 24.40 24.24 5.34
N ALA A 374 24.73 23.05 4.83
CA ALA A 374 25.36 22.94 3.52
C ALA A 374 24.43 23.46 2.43
N VAL A 375 23.13 23.14 2.53
CA VAL A 375 22.19 23.57 1.51
C VAL A 375 21.92 25.06 1.62
N GLU A 376 21.76 25.57 2.84
CA GLU A 376 21.57 27.00 3.03
C GLU A 376 22.78 27.79 2.56
N LYS A 377 23.97 27.22 2.69
CA LYS A 377 25.17 27.88 2.17
C LYS A 377 25.15 27.95 0.65
N CYS A 378 24.60 26.92 0.00
CA CYS A 378 24.42 26.98 -1.45
C CYS A 378 23.41 28.07 -1.82
N PHE A 379 22.38 28.26 -1.00
CA PHE A 379 21.38 29.29 -1.27
C PHE A 379 22.00 30.69 -1.24
N LYS A 380 23.07 30.86 -0.48
CA LYS A 380 23.73 32.16 -0.39
C LYS A 380 24.67 32.40 -1.57
N GLU A 381 25.49 31.40 -1.91
CA GLU A 381 26.50 31.57 -2.94
C GLU A 381 25.89 31.54 -4.34
N LYS A 382 24.80 30.81 -4.52
CA LYS A 382 23.95 30.96 -5.69
C LYS A 382 22.60 31.50 -5.21
N ASN A 383 21.47 30.94 -5.62
CA ASN A 383 20.19 31.39 -5.10
C ASN A 383 19.28 30.18 -5.01
N LYS A 384 18.33 30.24 -4.08
CA LYS A 384 17.44 29.10 -3.86
C LYS A 384 16.74 28.71 -5.16
N GLU A 385 16.50 29.66 -6.05
CA GLU A 385 15.89 29.34 -7.34
C GLU A 385 16.87 28.65 -8.29
N ASN A 386 18.17 28.74 -8.03
CA ASN A 386 19.18 28.10 -8.86
C ASN A 386 19.77 26.83 -8.23
N VAL A 387 19.42 26.54 -6.98
CA VAL A 387 19.88 25.34 -6.31
C VAL A 387 18.80 24.28 -6.30
N ILE A 388 17.56 24.67 -6.04
CA ILE A 388 16.45 23.73 -5.96
C ILE A 388 15.98 23.44 -7.39
N ILE A 389 16.04 22.18 -7.79
CA ILE A 389 15.71 21.76 -9.15
C ILE A 389 14.51 20.82 -9.10
N GLU A 390 13.47 21.14 -9.85
CA GLU A 390 12.27 20.33 -9.95
C GLU A 390 12.30 19.54 -11.25
N ASP A 391 12.56 18.23 -11.15
CA ASP A 391 12.48 17.33 -12.29
C ASP A 391 11.32 16.36 -12.17
N HIS A 392 10.37 16.63 -11.26
CA HIS A 392 9.15 15.85 -11.05
C HIS A 392 9.42 14.45 -10.54
N LEU A 393 10.65 14.17 -10.11
CA LEU A 393 10.98 12.88 -9.50
C LEU A 393 11.07 13.03 -7.98
N GLU B 43 7.20 -13.99 17.56
CA GLU B 43 6.82 -13.73 16.17
C GLU B 43 6.89 -12.23 15.87
N TYR B 44 7.40 -11.89 14.69
CA TYR B 44 7.68 -10.51 14.33
C TYR B 44 6.95 -10.12 13.06
N PHE B 45 6.88 -8.80 12.82
CA PHE B 45 6.39 -8.20 11.59
C PHE B 45 4.90 -8.39 11.37
N ASN B 46 4.13 -8.60 12.44
CA ASN B 46 2.71 -8.88 12.34
C ASN B 46 1.91 -7.58 12.33
N ILE B 47 1.01 -7.45 11.35
CA ILE B 47 -0.03 -6.44 11.35
C ILE B 47 -1.36 -7.14 11.25
N HIS B 48 -2.31 -6.78 12.12
CA HIS B 48 -3.63 -7.37 12.07
C HIS B 48 -4.49 -6.65 11.05
N ALA B 49 -5.42 -7.41 10.46
CA ALA B 49 -6.21 -6.88 9.36
C ALA B 49 -7.09 -5.72 9.81
N TRP B 50 -7.65 -5.79 11.01
CA TRP B 50 -8.49 -4.70 11.48
C TRP B 50 -7.67 -3.43 11.68
N ASP B 51 -6.38 -3.57 11.97
CA ASP B 51 -5.51 -2.40 12.02
C ASP B 51 -5.21 -1.89 10.62
N VAL B 52 -5.01 -2.79 9.66
CA VAL B 52 -4.89 -2.39 8.27
C VAL B 52 -6.11 -1.59 7.84
N TRP B 53 -7.30 -2.05 8.25
CA TRP B 53 -8.54 -1.37 7.87
C TRP B 53 -8.62 0.02 8.49
N HIS B 54 -8.25 0.16 9.77
CA HIS B 54 -8.33 1.47 10.42
C HIS B 54 -7.37 2.47 9.78
N ASP B 55 -6.15 2.04 9.49
CA ASP B 55 -5.13 2.94 8.95
C ASP B 55 -5.28 3.17 7.45
N MET B 56 -6.19 2.45 6.80
CA MET B 56 -6.33 2.52 5.35
C MET B 56 -7.16 3.71 4.90
N ILE B 57 -8.01 4.24 5.77
CA ILE B 57 -9.01 5.23 5.39
C ILE B 57 -8.41 6.62 5.44
N SER B 58 -8.58 7.36 4.34
CA SER B 58 -8.38 8.79 4.29
C SER B 58 -9.68 9.45 3.84
N VAL B 59 -9.70 10.79 3.91
CA VAL B 59 -10.95 11.50 3.66
C VAL B 59 -11.44 11.34 2.22
N ARG B 60 -10.56 10.97 1.29
CA ARG B 60 -10.96 10.77 -0.10
C ARG B 60 -10.71 9.35 -0.60
N ALA B 61 -10.61 8.38 0.32
CA ALA B 61 -10.48 6.98 -0.06
C ALA B 61 -10.82 6.10 1.12
N LEU B 62 -11.77 5.18 0.93
CA LEU B 62 -12.04 4.18 1.95
C LEU B 62 -11.11 2.98 1.81
N THR B 63 -10.85 2.55 0.58
CA THR B 63 -9.92 1.47 0.29
C THR B 63 -8.79 1.99 -0.57
N VAL B 64 -7.80 1.14 -0.81
CA VAL B 64 -6.60 1.52 -1.54
C VAL B 64 -6.43 0.59 -2.73
N ASP B 65 -5.53 0.97 -3.64
CA ASP B 65 -5.25 0.19 -4.83
C ASP B 65 -4.53 -1.11 -4.51
N SER B 66 -3.84 -1.19 -3.39
CA SER B 66 -3.02 -2.35 -3.05
C SER B 66 -3.85 -3.61 -2.90
N ASP B 67 -3.68 -4.57 -3.82
CA ASP B 67 -4.37 -5.84 -3.67
C ASP B 67 -3.89 -6.59 -2.45
N VAL B 68 -2.63 -6.40 -2.05
CA VAL B 68 -2.10 -7.10 -0.87
C VAL B 68 -2.83 -6.63 0.38
N GLU B 69 -3.02 -5.32 0.52
CA GLU B 69 -3.72 -4.80 1.70
C GLU B 69 -5.19 -5.21 1.68
N ILE B 70 -5.81 -5.20 0.49
CA ILE B 70 -7.23 -5.49 0.40
C ILE B 70 -7.49 -6.98 0.60
N TYR B 71 -6.74 -7.83 -0.11
CA TYR B 71 -6.90 -9.27 0.07
C TYR B 71 -6.67 -9.70 1.50
N LYS B 72 -5.76 -9.03 2.21
CA LYS B 72 -5.52 -9.34 3.61
C LYS B 72 -6.76 -9.07 4.46
N VAL B 73 -7.44 -7.96 4.20
CA VAL B 73 -8.64 -7.63 4.97
C VAL B 73 -9.78 -8.57 4.59
N LEU B 74 -9.95 -8.84 3.30
CA LEU B 74 -11.03 -9.72 2.87
C LEU B 74 -10.87 -11.12 3.46
N LYS B 75 -9.65 -11.67 3.38
CA LYS B 75 -9.44 -13.01 3.92
C LYS B 75 -9.73 -13.07 5.41
N ALA B 76 -9.48 -11.98 6.14
CA ALA B 76 -9.80 -11.97 7.55
C ALA B 76 -11.30 -12.03 7.80
N MET B 77 -12.08 -11.26 7.05
CA MET B 77 -13.53 -11.32 7.20
C MET B 77 -14.06 -12.70 6.85
N SER B 78 -13.48 -13.35 5.84
CA SER B 78 -14.00 -14.64 5.39
C SER B 78 -13.76 -15.75 6.39
N SER B 79 -12.78 -15.60 7.29
CA SER B 79 -12.41 -16.67 8.20
C SER B 79 -12.44 -16.30 9.68
N ALA B 80 -12.53 -15.01 10.02
CA ALA B 80 -12.58 -14.63 11.43
C ALA B 80 -13.76 -15.28 12.12
N LYS B 81 -13.56 -15.65 13.38
CA LYS B 81 -14.60 -16.30 14.15
C LYS B 81 -15.58 -15.27 14.68
N ILE B 82 -16.87 -15.60 14.61
CA ILE B 82 -17.92 -14.70 15.08
C ILE B 82 -18.04 -14.84 16.59
N THR B 83 -17.83 -13.73 17.30
CA THR B 83 -17.92 -13.72 18.75
C THR B 83 -19.26 -13.24 19.27
N GLN B 84 -19.96 -12.39 18.52
CA GLN B 84 -21.29 -11.95 18.88
C GLN B 84 -22.12 -11.82 17.62
N ALA B 85 -23.44 -11.90 17.79
CA ALA B 85 -24.37 -11.74 16.67
C ALA B 85 -25.66 -11.18 17.22
N THR B 86 -26.19 -10.15 16.57
CA THR B 86 -27.43 -9.54 17.02
C THR B 86 -28.13 -8.89 15.83
N THR B 87 -29.18 -8.14 16.11
CA THR B 87 -29.95 -7.42 15.11
C THR B 87 -30.76 -6.34 15.82
N GLY B 88 -30.84 -5.17 15.23
CA GLY B 88 -31.49 -4.02 15.85
C GLY B 88 -32.87 -3.73 15.27
N TYR B 89 -33.77 -3.28 16.14
CA TYR B 89 -35.16 -3.00 15.78
C TYR B 89 -35.29 -1.95 14.67
N LYS B 90 -34.23 -1.22 14.36
CA LYS B 90 -34.33 -0.08 13.47
C LYS B 90 -34.13 -0.52 12.02
N GLY B 91 -34.14 0.45 11.11
CA GLY B 91 -33.97 0.20 9.68
C GLY B 91 -35.15 -0.55 9.07
N THR B 92 -35.05 -0.76 7.76
CA THR B 92 -36.13 -1.35 6.98
C THR B 92 -35.79 -2.71 6.38
N GLN B 93 -34.55 -3.17 6.48
CA GLN B 93 -34.17 -4.42 5.83
C GLN B 93 -33.67 -5.40 6.86
N LEU B 94 -33.76 -6.69 6.51
CA LEU B 94 -33.31 -7.75 7.38
C LEU B 94 -31.80 -7.85 7.30
N LYS B 95 -31.14 -7.67 8.44
CA LYS B 95 -29.69 -7.75 8.50
C LYS B 95 -29.30 -8.27 9.87
N ALA B 96 -28.03 -8.63 10.02
CA ALA B 96 -27.48 -9.02 11.30
C ALA B 96 -26.17 -8.28 11.51
N MET B 97 -25.79 -8.15 12.78
CA MET B 97 -24.54 -7.50 13.15
C MET B 97 -23.64 -8.54 13.80
N PHE B 98 -22.50 -8.80 13.18
CA PHE B 98 -21.53 -9.77 13.69
C PHE B 98 -20.33 -9.04 14.26
N SER B 99 -19.82 -9.55 15.37
CA SER B 99 -18.57 -9.07 15.95
C SER B 99 -17.50 -10.11 15.66
N LEU B 100 -16.55 -9.75 14.81
CA LEU B 100 -15.49 -10.67 14.43
C LEU B 100 -14.33 -10.59 15.42
N ASP B 101 -13.66 -11.73 15.60
CA ASP B 101 -12.63 -11.85 16.62
C ASP B 101 -11.33 -11.18 16.17
N GLY B 102 -10.52 -10.81 17.15
CA GLY B 102 -9.23 -10.21 16.89
C GLY B 102 -8.67 -9.54 18.13
N PRO B 103 -7.45 -9.01 18.03
CA PRO B 103 -6.93 -8.17 19.13
C PRO B 103 -7.94 -7.14 19.59
N GLN B 104 -8.53 -6.41 18.65
CA GLN B 104 -9.74 -5.64 18.88
C GLN B 104 -10.88 -6.28 18.12
N ILE B 105 -12.09 -6.11 18.62
CA ILE B 105 -13.28 -6.68 17.99
C ILE B 105 -13.70 -5.79 16.83
N GLN B 106 -14.04 -6.41 15.70
CA GLN B 106 -14.39 -5.70 14.49
C GLN B 106 -15.81 -6.08 14.09
N ASN B 107 -16.70 -5.11 14.05
CA ASN B 107 -18.08 -5.36 13.66
C ASN B 107 -18.22 -5.39 12.14
N VAL B 108 -19.08 -6.28 11.66
CA VAL B 108 -19.47 -6.30 10.27
C VAL B 108 -20.99 -6.38 10.21
N VAL B 109 -21.54 -5.98 9.07
CA VAL B 109 -22.96 -6.13 8.79
C VAL B 109 -23.13 -7.37 7.93
N PHE B 110 -24.06 -8.24 8.34
CA PHE B 110 -24.35 -9.45 7.59
C PHE B 110 -25.66 -9.26 6.85
N LYS B 111 -25.60 -9.32 5.53
CA LYS B 111 -26.81 -9.25 4.72
C LYS B 111 -27.05 -10.62 4.09
N PRO B 112 -28.07 -11.35 4.53
CA PRO B 112 -28.25 -12.72 4.04
C PRO B 112 -28.77 -12.74 2.61
N LYS B 113 -28.61 -13.91 1.99
CA LYS B 113 -29.16 -14.14 0.66
C LYS B 113 -30.67 -14.27 0.74
N ARG B 114 -31.38 -13.58 -0.16
CA ARG B 114 -32.83 -13.56 -0.14
C ARG B 114 -33.47 -13.97 -1.46
N TYR B 115 -32.71 -14.02 -2.55
CA TYR B 115 -33.24 -14.39 -3.85
C TYR B 115 -32.29 -15.39 -4.50
N SER B 116 -32.81 -16.10 -5.50
CA SER B 116 -31.92 -16.89 -6.35
C SER B 116 -31.04 -15.95 -7.17
N ARG B 117 -29.96 -16.51 -7.70
CA ARG B 117 -28.98 -15.69 -8.41
C ARG B 117 -29.57 -15.03 -9.66
N ASN B 118 -30.64 -15.57 -10.23
CA ASN B 118 -31.20 -15.03 -11.46
C ASN B 118 -32.66 -14.59 -11.29
N LYS B 119 -33.03 -14.13 -10.09
CA LYS B 119 -34.34 -13.55 -9.88
C LYS B 119 -34.42 -12.18 -10.55
N ILE B 120 -35.57 -11.89 -11.16
CA ILE B 120 -35.82 -10.60 -11.82
C ILE B 120 -36.73 -9.77 -10.94
N ILE B 121 -36.28 -8.55 -10.60
CA ILE B 121 -37.08 -7.63 -9.78
C ILE B 121 -37.61 -6.51 -10.65
N LEU B 122 -38.94 -6.43 -10.76
CA LEU B 122 -39.63 -5.37 -11.50
C LEU B 122 -40.82 -4.92 -10.67
N GLY B 123 -41.34 -3.75 -11.02
CA GLY B 123 -42.48 -3.17 -10.30
C GLY B 123 -42.22 -1.72 -10.02
N THR B 124 -41.02 -1.45 -9.52
CA THR B 124 -40.52 -0.10 -9.34
C THR B 124 -39.00 -0.22 -9.28
N PRO B 125 -38.28 0.84 -9.65
CA PRO B 125 -36.81 0.74 -9.65
C PRO B 125 -36.20 0.39 -8.29
N TYR B 126 -36.94 0.50 -7.19
CA TYR B 126 -36.39 0.29 -5.85
C TYR B 126 -37.05 -0.84 -5.08
N GLU B 127 -37.80 -1.72 -5.74
CA GLU B 127 -38.49 -2.75 -5.00
C GLU B 127 -37.55 -3.91 -4.67
N GLY B 128 -37.95 -4.73 -3.72
CA GLY B 128 -37.29 -5.98 -3.41
C GLY B 128 -36.52 -5.92 -2.10
N TYR B 129 -36.02 -7.08 -1.71
CA TYR B 129 -35.10 -7.15 -0.58
C TYR B 129 -33.71 -6.70 -1.01
N ASP B 130 -32.84 -6.53 -0.02
CA ASP B 130 -31.45 -6.20 -0.30
C ASP B 130 -30.74 -7.43 -0.87
N ARG B 131 -30.16 -7.28 -2.06
CA ARG B 131 -29.42 -8.37 -2.70
C ARG B 131 -28.01 -8.45 -2.14
N HIS B 132 -27.67 -9.58 -1.53
CA HIS B 132 -26.35 -9.74 -0.92
C HIS B 132 -25.27 -9.77 -1.98
N ASN B 133 -25.52 -10.42 -3.12
CA ASN B 133 -24.51 -10.47 -4.17
C ASN B 133 -24.31 -9.14 -4.84
N ALA B 134 -25.27 -8.22 -4.73
CA ALA B 134 -25.09 -6.89 -5.30
C ALA B 134 -24.07 -6.09 -4.51
N GLU B 135 -24.05 -6.24 -3.18
CA GLU B 135 -23.07 -5.55 -2.36
C GLU B 135 -21.65 -5.97 -2.73
N ILE B 136 -21.46 -7.24 -3.06
CA ILE B 136 -20.13 -7.73 -3.40
C ILE B 136 -19.69 -7.16 -4.73
N ALA B 137 -20.56 -7.25 -5.75
CA ALA B 137 -20.20 -6.75 -7.06
C ALA B 137 -20.01 -5.24 -7.06
N ALA B 138 -20.84 -4.53 -6.30
CA ALA B 138 -20.71 -3.08 -6.24
C ALA B 138 -19.41 -2.66 -5.56
N PHE B 139 -18.93 -3.45 -4.61
CA PHE B 139 -17.67 -3.11 -3.95
C PHE B 139 -16.49 -3.28 -4.91
N HIS B 140 -16.50 -4.33 -5.71
CA HIS B 140 -15.40 -4.54 -6.65
C HIS B 140 -15.50 -3.63 -7.86
N LEU B 141 -16.72 -3.28 -8.28
CA LEU B 141 -16.85 -2.26 -9.32
C LEU B 141 -16.37 -0.91 -8.81
N ASP B 142 -16.56 -0.65 -7.52
CA ASP B 142 -16.09 0.61 -6.94
C ASP B 142 -14.58 0.75 -7.08
N ARG B 143 -13.84 -0.34 -6.87
CA ARG B 143 -12.39 -0.28 -7.02
C ARG B 143 -11.98 -0.34 -8.48
N LEU B 144 -12.69 -1.13 -9.28
CA LEU B 144 -12.34 -1.26 -10.69
C LEU B 144 -12.44 0.07 -11.42
N LEU B 145 -13.36 0.93 -11.02
CA LEU B 145 -13.52 2.25 -11.61
C LEU B 145 -12.68 3.32 -10.91
N GLY B 146 -12.01 2.98 -9.81
CA GLY B 146 -11.14 3.93 -9.17
C GLY B 146 -11.82 4.91 -8.22
N PHE B 147 -13.01 4.59 -7.72
CA PHE B 147 -13.65 5.46 -6.75
C PHE B 147 -13.07 5.25 -5.35
N TYR B 148 -12.98 4.00 -4.91
CA TYR B 148 -12.46 3.65 -3.58
C TYR B 148 -13.26 4.31 -2.47
N ARG B 149 -14.58 4.35 -2.65
CA ARG B 149 -15.49 4.96 -1.68
C ARG B 149 -16.44 3.94 -1.06
N ALA B 150 -16.22 2.65 -1.29
CA ALA B 150 -17.07 1.61 -0.73
C ALA B 150 -16.28 0.78 0.26
N PRO B 151 -16.82 0.51 1.44
CA PRO B 151 -16.13 -0.35 2.40
C PRO B 151 -16.00 -1.76 1.87
N PRO B 152 -15.03 -2.53 2.36
CA PRO B 152 -14.83 -3.89 1.86
C PRO B 152 -16.04 -4.79 2.14
N VAL B 153 -16.31 -5.68 1.20
CA VAL B 153 -17.42 -6.62 1.28
C VAL B 153 -16.90 -7.98 0.83
N VAL B 154 -17.26 -9.03 1.58
CA VAL B 154 -16.88 -10.39 1.21
C VAL B 154 -18.10 -11.29 1.38
N GLY B 155 -18.23 -12.27 0.50
CA GLY B 155 -19.23 -13.29 0.68
C GLY B 155 -18.75 -14.39 1.61
N ARG B 156 -19.70 -15.06 2.27
CA ARG B 156 -19.32 -16.03 3.27
C ARG B 156 -20.49 -16.98 3.52
N TYR B 157 -20.19 -18.27 3.63
CA TYR B 157 -21.17 -19.28 4.02
C TYR B 157 -21.13 -19.42 5.53
N ILE B 158 -22.18 -18.97 6.20
CA ILE B 158 -22.25 -18.98 7.66
C ILE B 158 -23.01 -20.24 8.08
N ASN B 159 -22.42 -20.98 9.03
CA ASN B 159 -23.11 -22.10 9.67
C ASN B 159 -23.88 -21.53 10.85
N LEU B 160 -25.18 -21.29 10.66
CA LEU B 160 -25.99 -20.65 11.70
C LEU B 160 -26.00 -21.46 12.97
N ALA B 161 -25.98 -22.79 12.86
CA ALA B 161 -26.05 -23.63 14.06
C ALA B 161 -24.74 -23.59 14.84
N ALA B 162 -23.61 -23.56 14.14
CA ALA B 162 -22.32 -23.63 14.78
C ALA B 162 -21.75 -22.25 15.15
N GLU B 163 -21.94 -21.25 14.30
CA GLU B 163 -21.29 -19.95 14.49
C GLU B 163 -22.18 -18.89 15.09
N VAL B 164 -23.48 -18.88 14.80
CA VAL B 164 -24.36 -17.78 15.20
C VAL B 164 -25.09 -18.08 16.49
N LEU B 165 -25.79 -19.22 16.55
CA LEU B 165 -26.58 -19.53 17.74
C LEU B 165 -25.78 -19.56 19.03
N PRO B 166 -24.56 -20.11 19.09
CA PRO B 166 -23.82 -20.09 20.36
C PRO B 166 -23.52 -18.69 20.88
N VAL B 167 -23.52 -17.67 20.04
CA VAL B 167 -23.14 -16.32 20.43
C VAL B 167 -24.26 -15.32 20.19
N ALA B 168 -25.45 -15.78 19.85
CA ALA B 168 -26.53 -14.88 19.43
C ALA B 168 -27.17 -14.22 20.64
N ALA B 169 -27.35 -12.90 20.55
CA ALA B 169 -28.13 -12.19 21.54
C ALA B 169 -29.57 -12.68 21.49
N LYS B 170 -30.26 -12.58 22.64
CA LYS B 170 -31.63 -13.08 22.71
C LYS B 170 -32.54 -12.34 21.72
N LYS B 171 -32.24 -11.06 21.44
CA LYS B 171 -33.08 -10.29 20.51
C LYS B 171 -33.06 -10.88 19.11
N LEU B 172 -32.02 -11.63 18.76
CA LEU B 172 -31.90 -12.29 17.46
C LEU B 172 -32.33 -13.76 17.51
N ALA B 173 -32.01 -14.46 18.61
CA ALA B 173 -32.31 -15.88 18.69
C ALA B 173 -33.81 -16.12 18.67
N THR B 174 -34.58 -15.24 19.33
CA THR B 174 -36.03 -15.38 19.39
C THR B 174 -36.71 -15.18 18.04
N THR B 175 -35.96 -14.89 16.98
CA THR B 175 -36.53 -14.78 15.64
C THR B 175 -36.13 -15.94 14.74
N PHE B 176 -35.55 -17.00 15.30
CA PHE B 176 -35.22 -18.19 14.52
C PHE B 176 -36.44 -19.08 14.40
N ILE B 177 -36.72 -19.52 13.17
CA ILE B 177 -37.84 -20.41 12.86
C ILE B 177 -37.36 -21.41 11.83
N LYS B 178 -38.25 -22.34 11.47
CA LYS B 178 -38.00 -23.28 10.39
C LYS B 178 -39.06 -23.16 9.31
N ASP B 179 -38.68 -23.51 8.08
CA ASP B 179 -39.58 -23.43 6.94
C ASP B 179 -40.20 -24.81 6.66
N LYS B 180 -40.97 -24.88 5.57
CA LYS B 180 -41.69 -26.12 5.25
C LYS B 180 -40.76 -27.27 4.94
N ASP B 181 -39.49 -27.00 4.61
CA ASP B 181 -38.52 -28.04 4.32
C ASP B 181 -37.54 -28.24 5.47
N GLU B 182 -37.83 -27.69 6.65
CA GLU B 182 -36.99 -27.83 7.83
C GLU B 182 -35.59 -27.22 7.61
N ASN B 183 -35.55 -26.09 6.92
CA ASN B 183 -34.34 -25.28 6.85
C ASN B 183 -34.34 -24.30 8.02
N LEU B 184 -33.15 -23.97 8.49
CA LEU B 184 -33.02 -23.01 9.58
C LEU B 184 -33.13 -21.60 9.03
N CYS B 185 -34.05 -20.81 9.59
CA CYS B 185 -34.30 -19.46 9.12
C CYS B 185 -34.37 -18.51 10.30
N PHE B 186 -34.31 -17.22 9.99
CA PHE B 186 -34.58 -16.18 10.98
C PHE B 186 -35.14 -14.97 10.26
N TYR B 187 -36.11 -14.31 10.89
CA TYR B 187 -36.78 -13.17 10.27
C TYR B 187 -36.43 -11.84 10.92
N GLY B 188 -35.73 -11.84 12.05
CA GLY B 188 -35.17 -10.62 12.60
C GLY B 188 -36.16 -9.63 13.17
N LYS B 189 -35.65 -8.57 13.77
CA LYS B 189 -36.45 -7.47 14.29
C LYS B 189 -36.09 -6.21 13.51
N CYS B 190 -36.97 -5.79 12.63
CA CYS B 190 -36.78 -4.52 11.93
C CYS B 190 -38.17 -3.96 11.61
N LEU B 191 -38.22 -3.01 10.68
CA LEU B 191 -39.49 -2.34 10.40
C LEU B 191 -40.36 -3.19 9.48
N TYR B 192 -39.79 -3.74 8.42
CA TYR B 192 -40.51 -4.60 7.50
C TYR B 192 -40.28 -6.08 7.79
N CYS B 193 -39.67 -6.41 8.93
CA CYS B 193 -39.37 -7.79 9.27
C CYS B 193 -40.56 -8.43 9.96
N ASN B 194 -40.87 -9.66 9.56
CA ASN B 194 -41.98 -10.39 10.16
C ASN B 194 -41.79 -11.88 9.90
N ARG B 195 -42.54 -12.68 10.67
CA ARG B 195 -42.37 -14.13 10.68
C ARG B 195 -42.62 -14.74 9.30
N LYS B 196 -43.41 -14.09 8.46
CA LYS B 196 -43.78 -14.64 7.17
C LYS B 196 -42.76 -14.34 6.07
N GLU B 197 -41.77 -13.49 6.34
CA GLU B 197 -40.73 -13.15 5.37
C GLU B 197 -39.36 -13.35 6.00
N PRO B 198 -38.95 -14.60 6.20
CA PRO B 198 -37.65 -14.87 6.81
C PRO B 198 -36.57 -15.05 5.75
N ALA B 199 -35.33 -15.00 6.22
CA ALA B 199 -34.17 -15.40 5.44
C ALA B 199 -33.84 -16.84 5.80
N CYS B 200 -33.73 -17.69 4.79
CA CYS B 200 -33.64 -19.12 5.00
C CYS B 200 -32.34 -19.66 4.42
N ALA B 201 -31.75 -20.63 5.11
CA ALA B 201 -30.51 -21.26 4.71
C ALA B 201 -30.78 -22.55 3.95
N SER B 202 -29.71 -23.18 3.48
CA SER B 202 -29.74 -24.56 3.02
C SER B 202 -29.31 -25.42 4.19
N ASN B 203 -30.26 -26.18 4.74
CA ASN B 203 -30.08 -26.85 6.02
C ASN B 203 -29.78 -25.81 7.09
N VAL B 204 -28.51 -25.66 7.46
CA VAL B 204 -28.10 -24.67 8.45
C VAL B 204 -27.04 -23.73 7.91
N THR B 205 -26.64 -23.86 6.65
CA THR B 205 -25.58 -23.04 6.06
C THR B 205 -26.23 -21.90 5.28
N MET B 206 -26.06 -20.67 5.77
CA MET B 206 -26.67 -19.49 5.17
C MET B 206 -25.61 -18.66 4.45
N GLU B 207 -25.87 -18.37 3.18
CA GLU B 207 -24.99 -17.56 2.36
C GLU B 207 -25.34 -16.09 2.50
N GLY B 208 -24.31 -15.25 2.52
CA GLY B 208 -24.55 -13.83 2.71
C GLY B 208 -23.30 -13.03 2.44
N ALA B 209 -23.40 -11.72 2.70
CA ALA B 209 -22.31 -10.79 2.50
C ALA B 209 -21.99 -10.09 3.81
N LEU B 210 -20.70 -9.98 4.12
CA LEU B 210 -20.21 -9.21 5.26
C LEU B 210 -19.70 -7.86 4.77
N ILE B 211 -20.11 -6.79 5.45
CA ILE B 211 -19.72 -5.43 5.10
C ILE B 211 -19.03 -4.81 6.30
N LEU B 212 -17.85 -4.26 6.09
CA LEU B 212 -17.05 -3.76 7.20
C LEU B 212 -17.65 -2.49 7.78
N TRP B 213 -17.67 -2.42 9.10
CA TRP B 213 -18.11 -1.22 9.80
C TRP B 213 -16.96 -0.23 9.90
N LEU B 214 -17.24 1.05 9.64
CA LEU B 214 -16.20 2.05 9.69
C LEU B 214 -15.76 2.32 11.12
N PRO B 215 -14.50 2.66 11.34
CA PRO B 215 -14.03 2.97 12.69
C PRO B 215 -14.74 4.19 13.25
N GLU B 216 -14.68 4.32 14.58
CA GLU B 216 -15.34 5.44 15.24
C GLU B 216 -14.74 6.78 14.83
N LYS B 217 -13.45 6.80 14.49
CA LYS B 217 -12.80 8.05 14.09
C LYS B 217 -13.38 8.61 12.79
N TRP B 218 -14.12 7.82 12.01
CA TRP B 218 -14.72 8.27 10.76
C TRP B 218 -16.25 8.17 10.89
N PRO B 219 -16.88 9.17 11.49
CA PRO B 219 -18.34 9.15 11.59
C PRO B 219 -18.99 9.37 10.23
N VAL B 220 -20.18 8.81 10.08
CA VAL B 220 -20.93 8.87 8.84
C VAL B 220 -22.10 9.82 9.03
N LEU B 221 -22.15 10.88 8.23
CA LEU B 221 -23.24 11.83 8.23
C LEU B 221 -24.16 11.57 7.04
N LYS B 222 -25.40 12.02 7.16
CA LYS B 222 -26.44 11.70 6.19
C LYS B 222 -27.23 12.96 5.85
N LEU B 223 -27.47 13.17 4.56
CA LEU B 223 -28.25 14.30 4.06
C LEU B 223 -29.14 13.83 2.92
N PRO B 224 -30.30 14.44 2.76
CA PRO B 224 -31.19 14.03 1.66
C PRO B 224 -30.57 14.31 0.30
N HIS B 225 -30.75 13.37 -0.61
CA HIS B 225 -30.21 13.50 -1.96
C HIS B 225 -31.07 14.47 -2.75
N PRO B 226 -30.49 15.53 -3.32
CA PRO B 226 -31.29 16.46 -4.13
C PRO B 226 -32.15 15.79 -5.18
N TRP B 227 -31.69 14.66 -5.73
CA TRP B 227 -32.43 13.89 -6.73
C TRP B 227 -33.18 12.72 -6.11
N ARG B 228 -33.75 12.91 -4.93
CA ARG B 228 -34.59 11.89 -4.31
C ARG B 228 -35.74 11.52 -5.22
N ARG B 229 -36.21 10.29 -5.05
CA ARG B 229 -37.46 9.86 -5.67
C ARG B 229 -38.59 10.16 -4.69
N THR B 230 -39.82 10.07 -5.19
CA THR B 230 -40.97 10.41 -4.36
C THR B 230 -41.50 9.22 -3.56
N TYR B 231 -41.30 8.00 -4.05
CA TYR B 231 -41.79 6.78 -3.41
C TYR B 231 -43.32 6.79 -3.31
N ASN B 232 -43.94 7.45 -4.28
CA ASN B 232 -45.38 7.40 -4.53
C ASN B 232 -45.58 7.82 -5.98
N LYS B 233 -46.85 7.99 -6.38
CA LYS B 233 -47.11 8.31 -7.78
C LYS B 233 -46.84 9.77 -8.12
N LYS B 234 -46.70 10.64 -7.12
CA LYS B 234 -46.29 12.01 -7.39
C LYS B 234 -44.92 12.05 -8.05
N MET B 235 -44.74 13.00 -8.95
CA MET B 235 -43.48 13.17 -9.65
C MET B 235 -42.60 14.17 -8.90
N ALA B 236 -41.31 13.86 -8.81
CA ALA B 236 -40.37 14.77 -8.18
C ALA B 236 -40.09 15.96 -9.08
N LYS B 237 -39.60 17.04 -8.46
CA LYS B 237 -39.38 18.29 -9.19
C LYS B 237 -38.36 18.12 -10.30
N TRP B 238 -37.36 17.27 -10.11
CA TRP B 238 -36.38 17.02 -11.16
C TRP B 238 -36.92 16.16 -12.30
N GLU B 239 -38.09 15.55 -12.12
CA GLU B 239 -38.71 14.78 -13.19
C GLU B 239 -39.51 15.64 -14.15
N THR B 240 -39.88 16.85 -13.74
CA THR B 240 -40.65 17.76 -14.57
C THR B 240 -39.84 18.93 -15.08
N ASP B 241 -38.78 19.32 -14.38
CA ASP B 241 -37.99 20.48 -14.72
C ASP B 241 -36.60 20.03 -15.15
N SER B 242 -36.31 20.15 -16.45
CA SER B 242 -35.01 19.74 -16.98
C SER B 242 -33.92 20.73 -16.62
N HIS B 243 -34.27 21.95 -16.21
CA HIS B 243 -33.32 22.95 -15.73
C HIS B 243 -33.14 22.89 -14.22
N TYR B 244 -33.34 21.73 -13.62
CA TYR B 244 -33.39 21.61 -12.17
C TYR B 244 -32.04 21.84 -11.51
N CYS B 245 -30.94 21.58 -12.21
CA CYS B 245 -29.63 21.68 -11.58
C CYS B 245 -29.35 23.10 -11.10
N GLU B 246 -29.94 24.10 -11.74
CA GLU B 246 -29.79 25.48 -11.27
C GLU B 246 -30.17 25.61 -9.80
N SER B 247 -31.23 24.91 -9.39
CA SER B 247 -31.76 25.09 -8.03
C SER B 247 -30.83 24.57 -6.96
N VAL B 248 -29.98 23.58 -7.28
CA VAL B 248 -29.20 22.96 -6.20
C VAL B 248 -27.92 23.74 -5.94
N VAL B 249 -27.26 24.25 -6.98
CA VAL B 249 -25.97 24.91 -6.82
C VAL B 249 -26.15 26.29 -6.21
N ILE B 250 -27.38 26.65 -5.90
CA ILE B 250 -27.61 27.91 -5.19
C ILE B 250 -27.43 27.72 -3.70
N LYS B 251 -28.03 26.67 -3.15
CA LYS B 251 -27.96 26.37 -1.73
C LYS B 251 -26.71 25.54 -1.44
N GLU B 252 -26.11 25.78 -0.29
CA GLU B 252 -25.02 24.96 0.23
C GLU B 252 -25.54 23.56 0.53
N PRO B 253 -24.66 22.54 0.49
CA PRO B 253 -23.22 22.56 0.28
C PRO B 253 -22.81 22.28 -1.17
N TYR B 254 -23.66 22.63 -2.12
CA TYR B 254 -23.40 22.32 -3.52
C TYR B 254 -22.81 23.49 -4.30
N THR B 255 -22.82 24.69 -3.73
CA THR B 255 -22.19 25.82 -4.41
C THR B 255 -20.68 25.68 -4.40
N LYS B 256 -20.11 25.27 -3.26
CA LYS B 256 -18.67 25.14 -3.08
C LYS B 256 -18.32 23.67 -2.87
N GLY B 257 -17.12 23.30 -3.31
CA GLY B 257 -16.52 22.06 -2.90
C GLY B 257 -16.84 20.89 -3.82
N PRO B 258 -16.50 19.68 -3.36
CA PRO B 258 -16.64 18.48 -4.19
C PRO B 258 -17.99 17.80 -4.08
N ARG B 259 -18.90 18.31 -3.26
CA ARG B 259 -20.10 17.55 -2.93
C ARG B 259 -20.94 17.27 -4.17
N LEU B 260 -21.21 18.30 -4.97
CA LEU B 260 -22.01 18.08 -6.17
C LEU B 260 -21.30 17.17 -7.15
N LEU B 261 -19.99 17.35 -7.32
CA LEU B 261 -19.24 16.49 -8.22
C LEU B 261 -19.14 15.06 -7.67
N ASP B 262 -19.15 14.91 -6.35
CA ASP B 262 -19.24 13.58 -5.77
C ASP B 262 -20.57 12.93 -6.13
N LEU B 263 -21.67 13.66 -5.97
CA LEU B 263 -22.99 13.12 -6.30
C LEU B 263 -23.10 12.76 -7.77
N ILE B 264 -22.38 13.47 -8.64
CA ILE B 264 -22.35 13.10 -10.05
C ILE B 264 -21.54 11.83 -10.25
N ASP B 265 -20.44 11.68 -9.51
CA ASP B 265 -19.67 10.44 -9.57
C ASP B 265 -20.51 9.25 -9.15
N THR B 266 -21.17 9.34 -7.98
CA THR B 266 -21.93 8.21 -7.48
C THR B 266 -23.15 7.92 -8.36
N SER B 267 -23.70 8.93 -9.04
CA SER B 267 -24.83 8.70 -9.92
C SER B 267 -24.43 7.85 -11.12
N ILE B 268 -23.21 8.04 -11.62
CA ILE B 268 -22.69 7.16 -12.66
C ILE B 268 -22.50 5.76 -12.10
N PHE B 269 -21.92 5.66 -10.90
CA PHE B 269 -21.75 4.37 -10.25
C PHE B 269 -23.09 3.69 -10.03
N ASP B 270 -24.08 4.42 -9.53
CA ASP B 270 -25.38 3.83 -9.26
C ASP B 270 -26.09 3.41 -10.54
N PHE B 271 -25.92 4.19 -11.61
CA PHE B 271 -26.56 3.84 -12.88
C PHE B 271 -26.02 2.53 -13.42
N LEU B 272 -24.71 2.33 -13.32
CA LEU B 272 -24.11 1.10 -13.84
C LEU B 272 -24.62 -0.13 -13.10
N ILE B 273 -24.80 -0.02 -11.77
CA ILE B 273 -25.27 -1.16 -10.99
C ILE B 273 -26.78 -1.21 -10.87
N GLY B 274 -27.50 -0.18 -11.29
CA GLY B 274 -28.94 -0.18 -11.21
C GLY B 274 -29.51 0.17 -9.85
N ASN B 275 -28.81 0.98 -9.07
CA ASN B 275 -29.25 1.37 -7.73
C ASN B 275 -30.01 2.68 -7.83
N ALA B 276 -31.33 2.60 -7.79
CA ALA B 276 -32.18 3.78 -7.84
C ALA B 276 -32.74 4.15 -6.47
N ASP B 277 -32.12 3.67 -5.39
CA ASP B 277 -32.69 3.80 -4.05
C ASP B 277 -31.83 4.67 -3.13
N ARG B 278 -31.00 5.54 -3.68
CA ARG B 278 -30.17 6.41 -2.86
C ARG B 278 -30.88 7.74 -2.62
N HIS B 279 -31.91 7.68 -1.78
CA HIS B 279 -32.65 8.88 -1.43
C HIS B 279 -31.92 9.72 -0.39
N HIS B 280 -31.13 9.09 0.46
CA HIS B 280 -30.25 9.80 1.38
C HIS B 280 -28.82 9.36 1.11
N TYR B 281 -27.97 10.31 0.76
CA TYR B 281 -26.56 10.00 0.59
C TYR B 281 -25.83 10.21 1.91
N GLU B 282 -24.66 9.58 2.01
CA GLU B 282 -23.87 9.56 3.24
C GLU B 282 -22.42 9.90 2.92
N TYR B 283 -21.78 10.57 3.86
CA TYR B 283 -20.44 11.08 3.63
C TYR B 283 -19.66 11.11 4.93
N ILE B 284 -18.34 11.08 4.79
CA ILE B 284 -17.42 11.29 5.90
C ILE B 284 -16.82 12.68 5.75
N GLU B 285 -16.24 13.18 6.85
CA GLU B 285 -15.75 14.55 6.86
C GLU B 285 -14.72 14.72 7.96
N ASN B 286 -13.61 15.36 7.63
CA ASN B 286 -12.63 15.81 8.61
C ASN B 286 -12.21 17.23 8.22
N GLU B 287 -11.04 17.66 8.69
CA GLU B 287 -10.56 19.01 8.41
C GLU B 287 -10.12 19.18 6.96
N ASN B 288 -9.79 18.10 6.26
CA ASN B 288 -9.18 18.18 4.95
C ASN B 288 -10.16 17.96 3.80
N GLY B 289 -11.46 17.93 4.08
CA GLY B 289 -12.46 17.85 3.04
C GLY B 289 -13.57 16.92 3.41
N SER B 290 -14.29 16.44 2.38
CA SER B 290 -15.40 15.51 2.55
C SER B 290 -15.49 14.62 1.32
N MET B 291 -16.27 13.55 1.44
CA MET B 291 -16.48 12.64 0.32
C MET B 291 -17.74 11.82 0.56
N VAL B 292 -18.61 11.77 -0.45
CA VAL B 292 -19.76 10.89 -0.41
C VAL B 292 -19.31 9.45 -0.65
N ILE B 293 -19.69 8.55 0.25
CA ILE B 293 -19.23 7.17 0.22
C ILE B 293 -20.33 6.29 -0.38
N HIS B 294 -19.89 5.20 -1.01
CA HIS B 294 -20.79 4.22 -1.61
C HIS B 294 -21.15 3.19 -0.56
N LEU B 295 -22.13 3.53 0.27
CA LEU B 295 -22.56 2.71 1.38
C LEU B 295 -23.98 2.21 1.13
N ASP B 296 -24.22 0.94 1.46
CA ASP B 296 -25.50 0.28 1.24
C ASP B 296 -25.90 0.32 -0.24
N ASN B 297 -25.21 -0.53 -1.02
CA ASN B 297 -25.44 -0.65 -2.45
C ASN B 297 -26.23 -1.91 -2.81
N ALA B 298 -27.07 -2.38 -1.90
CA ALA B 298 -27.69 -3.69 -2.07
C ALA B 298 -28.92 -3.66 -2.95
N LYS B 299 -29.54 -2.49 -3.17
CA LYS B 299 -30.69 -2.41 -4.05
C LYS B 299 -30.25 -2.24 -5.49
N SER B 300 -29.31 -3.07 -5.93
CA SER B 300 -28.74 -2.98 -7.27
C SER B 300 -28.78 -4.35 -7.92
N PHE B 301 -28.40 -4.38 -9.20
CA PHE B 301 -28.38 -5.61 -9.99
C PHE B 301 -29.68 -6.39 -9.85
N GLY B 302 -30.80 -5.67 -9.95
CA GLY B 302 -32.10 -6.29 -9.86
C GLY B 302 -32.67 -6.70 -11.21
N ASN B 303 -32.35 -5.96 -12.25
CA ASN B 303 -32.90 -6.26 -13.56
C ASN B 303 -31.86 -6.01 -14.65
N PRO B 304 -31.40 -7.04 -15.35
CA PRO B 304 -30.39 -6.87 -16.39
C PRO B 304 -30.94 -6.42 -17.73
N PHE B 305 -32.23 -6.13 -17.85
CA PHE B 305 -32.81 -5.77 -19.13
C PHE B 305 -33.23 -4.31 -19.25
N VAL B 306 -33.46 -3.61 -18.14
CA VAL B 306 -33.79 -2.18 -18.16
C VAL B 306 -32.60 -1.40 -17.62
N ASP B 307 -32.42 -0.20 -18.15
CA ASP B 307 -31.40 0.74 -17.70
C ASP B 307 -32.11 2.01 -17.25
N GLU B 308 -32.22 2.22 -15.94
CA GLU B 308 -32.91 3.38 -15.41
C GLU B 308 -32.04 4.63 -15.59
N LYS B 309 -32.22 5.31 -16.73
CA LYS B 309 -31.44 6.51 -17.02
C LYS B 309 -31.78 7.66 -16.08
N SER B 310 -32.90 7.58 -15.36
CA SER B 310 -33.23 8.60 -14.39
C SER B 310 -32.21 8.68 -13.26
N ILE B 311 -31.43 7.62 -13.05
CA ILE B 311 -30.38 7.67 -12.04
C ILE B 311 -29.27 8.62 -12.48
N LEU B 312 -29.07 8.76 -13.79
CA LEU B 312 -28.06 9.65 -14.35
C LEU B 312 -28.46 11.11 -14.34
N SER B 313 -29.62 11.45 -13.76
CA SER B 313 -30.10 12.82 -13.78
C SER B 313 -29.10 13.85 -13.26
N PRO B 314 -28.38 13.62 -12.15
CA PRO B 314 -27.35 14.59 -11.76
C PRO B 314 -26.35 14.88 -12.86
N LEU B 315 -25.91 13.86 -13.61
CA LEU B 315 -24.98 14.09 -14.69
C LEU B 315 -25.65 14.82 -15.86
N VAL B 316 -26.81 14.33 -16.30
CA VAL B 316 -27.40 14.85 -17.53
C VAL B 316 -27.99 16.24 -17.31
N GLN B 317 -28.41 16.56 -16.08
CA GLN B 317 -29.01 17.86 -15.82
C GLN B 317 -27.97 18.93 -15.48
N CYS B 318 -26.87 18.55 -14.85
CA CYS B 318 -25.83 19.50 -14.50
C CYS B 318 -24.76 19.62 -15.57
N CYS B 319 -24.54 18.56 -16.34
CA CYS B 319 -23.49 18.51 -17.35
C CYS B 319 -22.15 18.96 -16.78
N ARG B 320 -21.83 18.46 -15.59
CA ARG B 320 -20.52 18.62 -15.00
C ARG B 320 -19.95 17.25 -14.67
N LEU B 321 -18.63 17.15 -14.66
CA LEU B 321 -17.98 15.87 -14.45
C LEU B 321 -16.54 16.10 -13.99
N ARG B 322 -16.19 15.52 -12.85
CA ARG B 322 -14.84 15.60 -12.35
C ARG B 322 -13.86 15.07 -13.39
N SER B 323 -12.73 15.74 -13.55
CA SER B 323 -11.81 15.39 -14.62
C SER B 323 -11.24 13.99 -14.42
N SER B 324 -10.78 13.68 -13.21
CA SER B 324 -10.17 12.38 -12.94
C SER B 324 -11.14 11.25 -13.23
N THR B 325 -12.44 11.48 -13.01
CA THR B 325 -13.43 10.45 -13.31
C THR B 325 -13.58 10.26 -14.82
N TYR B 326 -13.58 11.36 -15.58
CA TYR B 326 -13.66 11.26 -17.03
C TYR B 326 -12.47 10.49 -17.60
N ASN B 327 -11.28 10.70 -17.02
CA ASN B 327 -10.10 10.01 -17.52
C ASN B 327 -10.20 8.50 -17.30
N ARG B 328 -10.70 8.09 -16.13
CA ARG B 328 -10.81 6.66 -15.86
C ARG B 328 -11.89 6.01 -16.71
N LEU B 329 -12.94 6.74 -17.07
CA LEU B 329 -13.99 6.17 -17.91
C LEU B 329 -13.50 5.96 -19.34
N LYS B 330 -12.72 6.90 -19.88
CA LYS B 330 -12.22 6.73 -21.24
C LYS B 330 -11.19 5.61 -21.32
N ILE B 331 -10.53 5.28 -20.21
CA ILE B 331 -9.65 4.11 -20.20
C ILE B 331 -10.48 2.84 -20.19
N ALA B 332 -11.64 2.85 -19.52
CA ALA B 332 -12.48 1.66 -19.46
C ALA B 332 -13.13 1.36 -20.80
N THR B 333 -13.51 2.41 -21.55
CA THR B 333 -14.12 2.21 -22.84
C THR B 333 -13.11 1.88 -23.93
N SER B 334 -11.81 2.12 -23.68
CA SER B 334 -10.79 1.86 -24.68
C SER B 334 -10.04 0.55 -24.46
N ASN B 335 -10.01 0.03 -23.24
CA ASN B 335 -9.34 -1.24 -22.97
C ASN B 335 -9.92 -2.34 -23.84
N GLU B 336 -9.06 -3.29 -24.24
CA GLU B 336 -9.51 -4.39 -25.09
C GLU B 336 -10.51 -5.28 -24.36
N ASN B 337 -10.31 -5.48 -23.05
CA ASN B 337 -11.28 -6.22 -22.25
C ASN B 337 -12.36 -5.28 -21.77
N SER B 338 -13.61 -5.66 -22.00
CA SER B 338 -14.75 -4.85 -21.58
C SER B 338 -14.80 -4.77 -20.06
N LEU B 339 -15.64 -3.84 -19.58
CA LEU B 339 -15.79 -3.64 -18.14
C LEU B 339 -16.31 -4.90 -17.47
N SER B 340 -17.17 -5.66 -18.14
CA SER B 340 -17.71 -6.89 -17.56
C SER B 340 -16.64 -7.96 -17.40
N VAL B 341 -15.76 -8.10 -18.39
CA VAL B 341 -14.70 -9.11 -18.30
C VAL B 341 -13.76 -8.79 -17.16
N LEU B 342 -13.43 -7.50 -16.98
CA LEU B 342 -12.53 -7.11 -15.90
C LEU B 342 -13.18 -7.29 -14.55
N LEU B 343 -14.47 -6.95 -14.42
CA LEU B 343 -15.13 -7.08 -13.12
C LEU B 343 -15.23 -8.54 -12.71
N ASP B 344 -15.55 -9.43 -13.65
CA ASP B 344 -15.72 -10.83 -13.30
C ASP B 344 -14.40 -11.44 -12.84
N LYS B 345 -13.27 -10.97 -13.36
CA LYS B 345 -11.98 -11.46 -12.89
C LYS B 345 -11.73 -11.09 -11.44
N ARG B 346 -12.21 -9.92 -11.01
CA ARG B 346 -12.12 -9.55 -9.61
C ARG B 346 -13.14 -10.28 -8.76
N LEU B 347 -14.35 -10.48 -9.30
CA LEU B 347 -15.37 -11.20 -8.56
C LEU B 347 -15.00 -12.66 -8.33
N SER B 348 -14.15 -13.21 -9.19
CA SER B 348 -13.83 -14.64 -9.13
C SER B 348 -13.04 -15.03 -7.89
N ILE B 349 -12.62 -14.07 -7.05
CA ILE B 349 -11.89 -14.41 -5.83
C ILE B 349 -12.80 -14.52 -4.62
N ASP B 350 -14.09 -14.24 -4.77
CA ASP B 350 -14.96 -14.28 -3.61
C ASP B 350 -15.37 -15.71 -3.31
N PRO B 351 -15.49 -16.08 -2.03
CA PRO B 351 -15.87 -17.46 -1.68
C PRO B 351 -17.16 -17.94 -2.33
N ILE B 352 -18.16 -17.08 -2.48
CA ILE B 352 -19.47 -17.50 -2.95
C ILE B 352 -19.65 -17.25 -4.45
N TYR B 353 -18.56 -17.09 -5.19
CA TYR B 353 -18.61 -16.92 -6.64
C TYR B 353 -19.27 -18.14 -7.28
N PRO B 354 -20.06 -17.96 -8.35
CA PRO B 354 -20.41 -16.76 -9.13
C PRO B 354 -21.24 -15.74 -8.37
N ILE B 355 -20.97 -14.45 -8.63
CA ILE B 355 -21.67 -13.38 -7.96
C ILE B 355 -22.81 -12.82 -8.81
N LEU B 356 -22.58 -12.65 -10.11
CA LEU B 356 -23.59 -12.13 -11.02
C LEU B 356 -23.80 -13.10 -12.18
N THR B 357 -25.02 -13.13 -12.70
CA THR B 357 -25.28 -13.87 -13.92
C THR B 357 -24.67 -13.13 -15.11
N SER B 358 -24.55 -13.86 -16.22
CA SER B 358 -23.96 -13.27 -17.42
C SER B 358 -24.72 -12.04 -17.89
N ASP B 359 -26.04 -11.99 -17.64
CA ASP B 359 -26.84 -10.87 -18.11
C ASP B 359 -26.41 -9.56 -17.46
N HIS B 360 -26.23 -9.58 -16.13
CA HIS B 360 -25.87 -8.36 -15.43
C HIS B 360 -24.49 -7.86 -15.81
N LEU B 361 -23.56 -8.77 -16.10
CA LEU B 361 -22.24 -8.35 -16.53
C LEU B 361 -22.30 -7.66 -17.89
N LEU B 362 -22.99 -8.28 -18.85
CA LEU B 362 -23.16 -7.64 -20.15
C LEU B 362 -23.93 -6.34 -20.05
N ALA B 363 -24.77 -6.20 -19.02
CA ALA B 363 -25.48 -4.95 -18.81
C ALA B 363 -24.52 -3.81 -18.51
N LEU B 364 -23.49 -4.06 -17.70
CA LEU B 364 -22.52 -3.03 -17.35
C LEU B 364 -21.90 -2.40 -18.59
N ASP B 365 -21.45 -3.23 -19.53
CA ASP B 365 -20.83 -2.71 -20.74
C ASP B 365 -21.80 -1.84 -21.52
N ARG B 366 -23.06 -2.27 -21.63
CA ARG B 366 -24.06 -1.48 -22.34
C ARG B 366 -24.40 -0.21 -21.57
N ARG B 367 -24.43 -0.27 -20.24
CA ARG B 367 -24.72 0.92 -19.46
C ARG B 367 -23.56 1.90 -19.50
N LEU B 368 -22.33 1.39 -19.60
CA LEU B 368 -21.17 2.26 -19.75
C LEU B 368 -21.26 3.07 -21.04
N LEU B 369 -21.76 2.45 -22.11
CA LEU B 369 -21.91 3.17 -23.37
C LEU B 369 -22.98 4.24 -23.27
N LEU B 370 -24.05 3.97 -22.52
CA LEU B 370 -25.08 5.00 -22.33
C LEU B 370 -24.54 6.15 -21.50
N VAL B 371 -23.62 5.88 -20.58
CA VAL B 371 -22.98 6.97 -19.84
C VAL B 371 -22.11 7.80 -20.78
N GLN B 372 -21.33 7.14 -21.63
CA GLN B 372 -20.51 7.85 -22.60
C GLN B 372 -21.37 8.68 -23.54
N ASP B 373 -22.53 8.16 -23.92
CA ASP B 373 -23.45 8.94 -24.73
C ASP B 373 -23.97 10.15 -23.97
N ALA B 374 -24.27 9.97 -22.67
CA ALA B 374 -24.80 11.07 -21.87
C ALA B 374 -23.79 12.20 -21.73
N VAL B 375 -22.51 11.87 -21.52
CA VAL B 375 -21.50 12.91 -21.36
C VAL B 375 -21.19 13.55 -22.70
N GLU B 376 -21.10 12.76 -23.78
CA GLU B 376 -20.88 13.34 -25.09
C GLU B 376 -22.02 14.28 -25.48
N LYS B 377 -23.25 13.97 -25.06
CA LYS B 377 -24.36 14.88 -25.33
C LYS B 377 -24.18 16.19 -24.57
N CYS B 378 -23.59 16.14 -23.38
CA CYS B 378 -23.22 17.36 -22.68
C CYS B 378 -22.17 18.14 -23.45
N PHE B 379 -21.25 17.43 -24.13
CA PHE B 379 -20.20 18.08 -24.90
C PHE B 379 -20.76 18.91 -26.06
N LYS B 380 -21.94 18.57 -26.55
CA LYS B 380 -22.51 19.34 -27.66
C LYS B 380 -23.17 20.62 -27.15
N GLU B 381 -23.99 20.51 -26.11
CA GLU B 381 -24.76 21.67 -25.65
C GLU B 381 -23.92 22.65 -24.84
N LYS B 382 -22.95 22.15 -24.07
CA LYS B 382 -21.89 22.96 -23.50
C LYS B 382 -20.56 22.45 -24.04
N ASN B 383 -19.62 23.35 -24.27
CA ASN B 383 -18.31 22.92 -24.75
C ASN B 383 -17.58 22.09 -23.71
N LYS B 384 -16.72 21.19 -24.19
CA LYS B 384 -15.97 20.29 -23.30
C LYS B 384 -15.18 21.04 -22.24
N GLU B 385 -14.75 22.26 -22.55
CA GLU B 385 -13.99 23.04 -21.57
C GLU B 385 -14.84 23.49 -20.40
N ASN B 386 -16.16 23.46 -20.54
CA ASN B 386 -17.08 23.85 -19.48
C ASN B 386 -17.77 22.67 -18.80
N VAL B 387 -17.56 21.45 -19.28
CA VAL B 387 -18.17 20.26 -18.69
C VAL B 387 -17.20 19.53 -17.76
N ILE B 388 -15.94 19.39 -18.16
CA ILE B 388 -14.94 18.72 -17.33
C ILE B 388 -14.35 19.73 -16.35
N ILE B 389 -14.45 19.42 -15.07
CA ILE B 389 -13.95 20.28 -14.00
C ILE B 389 -12.81 19.54 -13.31
N GLU B 390 -11.65 20.18 -13.24
CA GLU B 390 -10.48 19.60 -12.58
C GLU B 390 -10.35 20.25 -11.20
N ASP B 391 -10.67 19.48 -10.16
CA ASP B 391 -10.47 19.91 -8.79
C ASP B 391 -9.37 19.12 -8.10
N HIS B 392 -8.55 18.41 -8.88
CA HIS B 392 -7.40 17.63 -8.43
C HIS B 392 -7.78 16.46 -7.54
N LEU B 393 -9.05 16.08 -7.51
CA LEU B 393 -9.50 14.90 -6.77
C LEU B 393 -9.69 13.71 -7.70
O1 XYP C . 37.14 -1.06 -2.30
C1 XYP C . 37.16 -0.87 -0.95
C2 XYP C . 36.09 -1.75 -0.32
C3 XYP C . 36.17 -1.73 1.16
C4 XYP C . 37.54 -2.10 1.64
C5 XYP C . 38.60 -1.19 1.04
O2 XYP C . 34.80 -1.29 -0.72
O3 XYP C . 35.19 -2.67 1.69
O4 XYP C . 37.34 -1.80 2.98
O5 XYP C . 38.54 -1.18 -0.44
C1 GAL C . 38.32 -2.36 3.81
C2 GAL C . 38.53 -1.54 5.06
C3 GAL C . 39.65 -2.12 5.91
C4 GAL C . 39.50 -3.64 6.13
C5 GAL C . 38.88 -4.38 4.91
C6 GAL C . 38.20 -5.69 5.29
O2 GAL C . 38.90 -0.21 4.76
O3 GAL C . 39.64 -1.54 7.20
O4 GAL C . 38.75 -3.91 7.29
O5 GAL C . 37.89 -3.62 4.21
O6 GAL C . 39.05 -6.53 6.04
C1 NAG D . 25.83 -24.09 23.92
C2 NAG D . 25.54 -25.61 23.99
C3 NAG D . 26.37 -26.31 25.04
C4 NAG D . 27.84 -26.17 24.72
C5 NAG D . 28.25 -24.71 24.81
C6 NAG D . 29.60 -24.45 24.19
C7 NAG D . 23.42 -26.83 23.66
C8 NAG D . 21.97 -26.91 24.03
N2 NAG D . 24.13 -25.84 24.23
O3 NAG D . 26.01 -27.69 25.09
O4 NAG D . 28.61 -26.93 25.65
O5 NAG D . 27.32 -23.82 24.15
O6 NAG D . 29.88 -23.06 24.12
O7 NAG D . 23.93 -27.61 22.86
C1 NAG E . 6.87 2.09 -17.52
C2 NAG E . 5.46 2.38 -18.09
C3 NAG E . 4.59 1.11 -18.16
C4 NAG E . 5.37 -0.11 -18.65
C5 NAG E . 6.69 -0.21 -17.92
C6 NAG E . 7.54 -1.38 -18.37
C7 NAG E . 4.22 4.49 -17.75
C8 NAG E . 3.59 5.40 -16.73
N2 NAG E . 4.79 3.39 -17.27
O3 NAG E . 3.50 1.36 -19.04
O4 NAG E . 4.61 -1.29 -18.41
O5 NAG E . 7.43 0.98 -18.18
O6 NAG E . 8.92 -1.15 -18.14
O7 NAG E . 4.19 4.75 -18.95
C MBN F . 38.12 -0.10 -2.64
C1 MBN F . 37.99 -0.21 -4.15
C2 MBN F . 37.87 -1.46 -4.75
C3 MBN F . 37.75 -1.56 -6.12
C4 MBN F . 37.76 -0.41 -6.90
C5 MBN F . 37.88 0.83 -6.31
C6 MBN F . 37.99 0.93 -4.93
O5' ADN G . 28.97 -7.78 -4.73
C5' ADN G . 28.02 -8.58 -5.41
C4' ADN G . 27.85 -8.17 -6.85
O4' ADN G . 26.46 -8.24 -7.22
C3' ADN G . 28.27 -6.75 -7.18
O3' ADN G . 28.54 -6.64 -8.58
C2' ADN G . 27.01 -5.95 -6.85
O2' ADN G . 26.84 -4.77 -7.61
C1' ADN G . 25.87 -6.95 -7.11
N9 ADN G . 24.87 -7.00 -6.04
C8 ADN G . 25.13 -6.85 -4.73
N7 ADN G . 23.98 -6.95 -4.06
C5 ADN G . 23.01 -7.17 -4.95
C6 ADN G . 21.65 -7.35 -4.80
N6 ADN G . 20.76 -7.37 -3.65
N1 ADN G . 20.88 -7.55 -5.84
C2 ADN G . 21.43 -7.59 -7.09
N3 ADN G . 22.76 -7.41 -7.24
C4 ADN G . 23.55 -7.20 -6.17
C1 NAG H . -28.02 -31.24 7.18
C2 NAG H . -27.15 -31.53 8.44
C3 NAG H . -26.77 -33.00 8.54
C4 NAG H . -28.02 -33.85 8.65
C5 NAG H . -28.82 -33.76 7.36
C6 NAG H . -30.21 -34.32 7.48
C7 NAG H . -25.38 -30.21 9.52
C8 NAG H . -24.16 -29.37 9.32
N2 NAG H . -25.95 -30.70 8.42
O3 NAG H . -25.96 -33.18 9.69
O4 NAG H . -27.63 -35.21 8.84
O5 NAG H . -28.98 -32.40 6.90
O6 NAG H . -31.15 -33.56 6.75
O7 NAG H . -25.82 -30.45 10.65
C1 NAG I . -4.97 16.32 7.01
C2 NAG I . -4.79 15.25 8.10
C3 NAG I . -3.53 15.52 8.92
C4 NAG I . -2.32 15.75 8.02
C5 NAG I . -2.65 16.83 7.00
C6 NAG I . -1.52 17.10 6.04
C7 NAG I . -6.22 14.24 9.84
C8 NAG I . -7.48 14.39 10.65
N2 NAG I . -5.97 15.22 8.96
O3 NAG I . -3.29 14.41 9.79
O4 NAG I . -1.21 16.16 8.81
O5 NAG I . -3.79 16.42 6.23
O6 NAG I . -1.65 16.34 4.84
O7 NAG I . -5.47 13.27 9.98
O5' ADN J . -29.19 1.36 7.65
C5' ADN J . -27.81 1.37 8.03
C4' ADN J . -27.51 2.49 9.00
O4' ADN J . -26.20 2.26 9.58
C3' ADN J . -27.41 3.86 8.38
O3' ADN J . -27.63 4.85 9.38
C2' ADN J . -25.98 3.91 7.89
O2' ADN J . -25.41 5.21 7.79
C1' ADN J . -25.23 3.05 8.92
N9 ADN J . -24.25 2.15 8.33
C8 ADN J . -24.51 1.17 7.45
N7 ADN J . -23.38 0.55 7.13
C5 ADN J . -22.40 1.16 7.83
C6 ADN J . -21.05 0.92 7.86
N6 ADN J . -20.19 -0.04 7.21
N1 ADN J . -20.26 1.66 8.62
C2 ADN J . -20.79 2.65 9.38
N3 ADN J . -22.12 2.88 9.34
C4 ADN J . -22.92 2.14 8.56
#